data_6FBA
#
_entry.id   6FBA
#
_cell.length_a   86.757
_cell.length_b   86.757
_cell.length_c   138.151
_cell.angle_alpha   90.00
_cell.angle_beta   90.00
_cell.angle_gamma   120.00
#
_symmetry.space_group_name_H-M   'P 32'
#
loop_
_entity.id
_entity.type
_entity.pdbx_description
1 polymer 'Aspartate transcarbamoylase'
2 polymer 'Aspartate transcarbamoylase'
3 non-polymer 'SULFATE ION'
4 non-polymer naphthalene-2,3-diol
5 non-polymer 'DIMETHYL SULFOXIDE'
6 non-polymer 'MALONATE ION'
7 non-polymer GLYCEROL
8 non-polymer 'SODIUM ION'
9 non-polymer DI(HYDROXYETHYL)ETHER
10 water water
#
loop_
_entity_poly.entity_id
_entity_poly.type
_entity_poly.pdbx_seq_one_letter_code
_entity_poly.pdbx_strand_id
1 'polypeptide(L)'
;MFYINSKYKIDLDKIMTKMKNKSVINIDDVDDEELLAILYTSKQFEKILKNNEDSKYLENKVFCSVFLEPSTRTRCSFDA
AILKLGSKVLNITDMNSTSFYKGETVEDAFKILSTYVDGIIYRDPSKKNVDIAVSSSSKPIINAGNGTGEHPTQSLLDFY
TIHNYFPFILDRNINKKLNIAFVGDLKNGRTVHSLSKLLSRYNVSFNFVSCKSLNIPKDIVNTITYNLKKNNFYSDDSIK
YFDNLEEGLEDVHIIYMTRIQKERFTDVDEYNQYKNAFILSNKTLENTRDDTKILHPLPRVNEIKVEVDSNPKSVYFTQA
ENGLYVRMALLYLIFSSTSSAWSHPQFEK
;
A,B
2 'polypeptide(L)'
;MFYINSKYKIDLDKIMTKMKNKSVINIDDVDDEELLAILYTSKQFEKILKNNEDSKYLENKVFCSVFLEPSTRTRCSFDA
AILKLGSKVLNITDMNSTSFYKGETVEDAFKILSTYVDGIIYRDPSKKNVDIAVSSSSKPIINAGNGTGEHPTQSLLDFY
TIHNYFPFILDRNINKKLNIAFVGDLKNGRTVHSLSKLLSRYNVSFNFVS(CSO)KSLNIPKDIVNTITYNLKKNNFYSD
DSIKYFDNLEEGLEDVHIIYMTRIQKERFTDVDEYNQYKNAFILSNKTLENTRDDTKILHPLPRVNEIKVEVDSNPKSVY
FTQAENGLYVRMALLYLIFSSTSSAWSHPQFEK
;
C
#
loop_
_chem_comp.id
_chem_comp.type
_chem_comp.name
_chem_comp.formula
D48 non-polymer naphthalene-2,3-diol 'C10 H8 O2'
DMS non-polymer 'DIMETHYL SULFOXIDE' 'C2 H6 O S'
GOL non-polymer GLYCEROL 'C3 H8 O3'
MLI non-polymer 'MALONATE ION' 'C3 H2 O4 -2'
NA non-polymer 'SODIUM ION' 'Na 1'
PEG non-polymer DI(HYDROXYETHYL)ETHER 'C4 H10 O3'
SO4 non-polymer 'SULFATE ION' 'O4 S -2'
#
# COMPACT_ATOMS: atom_id res chain seq x y z
N ASP A 11 36.41 4.63 10.84
CA ASP A 11 36.17 6.00 10.26
C ASP A 11 34.90 6.03 9.47
N LEU A 12 33.79 6.21 10.17
CA LEU A 12 32.49 6.13 9.53
C LEU A 12 32.29 7.12 8.38
N ASP A 13 32.80 8.33 8.51
CA ASP A 13 32.60 9.34 7.44
C ASP A 13 33.21 8.90 6.12
N LYS A 14 34.43 8.39 6.19
CA LYS A 14 35.09 7.87 5.01
C LYS A 14 34.37 6.60 4.50
N ILE A 15 33.87 5.73 5.36
CA ILE A 15 33.15 4.55 4.88
C ILE A 15 31.77 4.94 4.29
N MET A 16 31.11 5.97 4.81
CA MET A 16 29.81 6.41 4.25
C MET A 16 29.92 6.96 2.81
N THR A 17 31.02 7.64 2.51
CA THR A 17 31.27 8.10 1.11
C THR A 17 31.40 6.92 0.17
N LYS A 18 32.07 5.87 0.66
CA LYS A 18 32.29 4.70 -0.12
C LYS A 18 30.96 3.97 -0.37
N MET A 19 30.12 3.83 0.66
CA MET A 19 28.84 3.07 0.52
C MET A 19 27.71 3.82 -0.19
N LYS A 20 27.85 5.13 -0.33
CA LYS A 20 26.75 5.92 -0.89
C LYS A 20 26.36 5.39 -2.28
N ASN A 21 25.10 5.19 -2.52
CA ASN A 21 24.61 4.69 -3.82
C ASN A 21 25.08 3.32 -4.29
N LYS A 22 25.53 2.51 -3.33
CA LYS A 22 25.93 1.18 -3.58
C LYS A 22 24.76 0.28 -3.70
N SER A 23 24.76 -0.61 -4.70
CA SER A 23 23.76 -1.69 -4.67
C SER A 23 24.27 -2.83 -3.76
N VAL A 24 23.38 -3.51 -3.08
CA VAL A 24 23.67 -4.70 -2.30
C VAL A 24 22.84 -5.86 -2.81
N ILE A 25 23.50 -6.66 -3.64
CA ILE A 25 22.94 -7.78 -4.30
C ILE A 25 23.41 -9.12 -3.66
N ASN A 26 24.72 -9.28 -3.46
CA ASN A 26 25.33 -10.47 -2.87
C ASN A 26 26.07 -10.00 -1.66
N ILE A 27 26.32 -10.89 -0.74
CA ILE A 27 26.98 -10.47 0.51
C ILE A 27 28.46 -10.06 0.22
N ASP A 28 29.03 -10.63 -0.82
CA ASP A 28 30.33 -10.13 -1.33
C ASP A 28 30.36 -8.67 -1.84
N ASP A 29 29.22 -8.03 -2.07
CA ASP A 29 29.27 -6.56 -2.27
C ASP A 29 29.69 -5.78 -1.01
N VAL A 30 29.74 -6.44 0.18
CA VAL A 30 30.03 -5.74 1.43
C VAL A 30 31.39 -6.19 1.90
N ASP A 31 32.31 -5.27 2.09
CA ASP A 31 33.64 -5.62 2.50
C ASP A 31 33.80 -5.51 4.04
N ASP A 32 34.96 -5.82 4.56
CA ASP A 32 35.20 -5.84 5.97
C ASP A 32 34.84 -4.54 6.64
N GLU A 33 35.26 -3.42 6.09
CA GLU A 33 35.06 -2.10 6.71
C GLU A 33 33.56 -1.63 6.65
N GLU A 34 32.88 -1.97 5.56
CA GLU A 34 31.51 -1.74 5.39
C GLU A 34 30.71 -2.60 6.30
N LEU A 35 31.12 -3.86 6.47
CA LEU A 35 30.49 -4.70 7.46
C LEU A 35 30.60 -4.01 8.84
N LEU A 36 31.79 -3.48 9.18
CA LEU A 36 31.92 -2.80 10.45
C LEU A 36 31.00 -1.57 10.60
N ALA A 37 30.82 -0.81 9.55
CA ALA A 37 30.03 0.37 9.62
C ALA A 37 28.56 -0.04 9.74
N ILE A 38 28.14 -1.07 9.03
CA ILE A 38 26.76 -1.58 9.20
C ILE A 38 26.47 -2.02 10.63
N LEU A 39 27.39 -2.78 11.21
CA LEU A 39 27.26 -3.27 12.57
C LEU A 39 27.17 -2.09 13.59
N TYR A 40 28.07 -1.14 13.40
CA TYR A 40 28.13 0.00 14.31
C TYR A 40 26.84 0.89 14.22
N THR A 41 26.43 1.14 12.98
CA THR A 41 25.28 1.94 12.69
C THR A 41 24.00 1.23 13.15
N SER A 42 23.95 -0.07 12.98
CA SER A 42 22.83 -0.89 13.47
C SER A 42 22.71 -0.78 15.00
N LYS A 43 23.84 -0.80 15.68
CA LYS A 43 23.88 -0.67 17.10
C LYS A 43 23.33 0.73 17.54
N GLN A 44 23.66 1.77 16.79
CA GLN A 44 23.13 3.10 17.12
C GLN A 44 21.60 3.14 16.97
N PHE A 45 21.09 2.56 15.87
CA PHE A 45 19.68 2.45 15.71
C PHE A 45 19.00 1.63 16.82
N GLU A 46 19.66 0.56 17.25
CA GLU A 46 19.15 -0.17 18.35
C GLU A 46 19.02 0.71 19.62
N LYS A 47 20.01 1.54 19.94
CA LYS A 47 19.92 2.33 21.15
C LYS A 47 18.81 3.38 21.01
N ILE A 48 18.75 4.03 19.84
CA ILE A 48 17.74 4.99 19.58
C ILE A 48 16.34 4.39 19.75
N LEU A 49 16.13 3.24 19.07
CA LEU A 49 14.77 2.64 19.04
C LEU A 49 14.39 2.09 20.40
N LYS A 50 15.32 1.45 21.10
CA LYS A 50 15.01 0.97 22.47
C LYS A 50 14.65 2.11 23.45
N ASN A 51 15.17 3.31 23.21
CA ASN A 51 14.87 4.41 24.04
C ASN A 51 13.73 5.27 23.50
N ASN A 52 12.92 4.72 22.56
CA ASN A 52 11.64 5.28 22.05
C ASN A 52 11.89 6.55 21.34
N GLU A 53 13.11 6.75 20.82
CA GLU A 53 13.47 8.04 20.31
C GLU A 53 13.15 8.15 18.85
N ASP A 54 13.22 9.41 18.45
CA ASP A 54 13.23 9.93 17.06
C ASP A 54 14.34 9.29 16.21
N SER A 55 13.88 8.49 15.25
CA SER A 55 14.65 7.77 14.32
C SER A 55 14.52 8.28 12.94
N LYS A 56 14.03 9.53 12.77
CA LYS A 56 14.04 10.11 11.39
C LYS A 56 15.42 10.54 10.92
N TYR A 57 16.19 9.58 10.48
CA TYR A 57 17.57 9.80 10.04
C TYR A 57 17.64 9.80 8.58
N LEU A 58 16.58 9.43 7.89
CA LEU A 58 16.57 9.51 6.42
C LEU A 58 15.22 9.91 5.93
N GLU A 59 14.94 11.21 5.84
CA GLU A 59 13.59 11.68 5.52
C GLU A 59 13.09 11.95 4.12
N ASN A 60 13.91 12.28 3.18
CA ASN A 60 13.32 12.79 1.93
C ASN A 60 13.42 11.83 0.75
N LYS A 61 13.42 10.54 1.00
CA LYS A 61 13.60 9.62 -0.01
C LYS A 61 12.29 8.94 -0.30
N VAL A 62 12.17 8.49 -1.56
CA VAL A 62 11.05 7.68 -2.01
C VAL A 62 11.60 6.39 -2.58
N PHE A 63 11.14 5.25 -2.05
CA PHE A 63 11.55 3.95 -2.51
C PHE A 63 10.47 3.20 -3.23
N CYS A 64 10.88 2.22 -4.06
CA CYS A 64 9.94 1.29 -4.60
C CYS A 64 10.35 -0.13 -4.06
N SER A 65 9.39 -0.88 -3.52
CA SER A 65 9.62 -2.22 -3.07
C SER A 65 8.88 -3.12 -4.06
N VAL A 66 9.64 -3.94 -4.78
CA VAL A 66 9.11 -4.82 -5.78
C VAL A 66 9.26 -6.29 -5.28
N PHE A 67 8.14 -6.92 -5.00
CA PHE A 67 8.11 -8.26 -4.47
C PHE A 67 7.36 -9.17 -5.41
N LEU A 68 8.12 -10.01 -6.15
CA LEU A 68 7.60 -10.83 -7.22
C LEU A 68 7.45 -12.32 -6.88
N GLU A 69 7.45 -12.60 -5.59
CA GLU A 69 6.89 -13.84 -5.07
C GLU A 69 6.17 -13.46 -3.76
N PRO A 70 5.33 -14.34 -3.25
CA PRO A 70 4.75 -14.04 -1.96
C PRO A 70 5.80 -13.98 -0.90
N SER A 71 5.97 -12.83 -0.29
CA SER A 71 6.85 -12.71 0.81
C SER A 71 6.41 -11.52 1.65
N THR A 72 5.16 -11.57 2.09
CA THR A 72 4.59 -10.58 2.94
C THR A 72 5.48 -10.13 4.15
N ARG A 73 5.97 -11.04 4.94
CA ARG A 73 6.87 -10.72 6.04
C ARG A 73 8.09 -9.96 5.73
N THR A 74 8.78 -10.35 4.66
CA THR A 74 10.02 -9.65 4.29
C THR A 74 9.68 -8.26 3.74
N ARG A 75 8.64 -8.20 2.95
CA ARG A 75 8.18 -6.87 2.45
C ARG A 75 7.82 -5.94 3.61
N CYS A 76 7.02 -6.40 4.59
CA CYS A 76 6.72 -5.62 5.78
C CYS A 76 7.91 -5.28 6.58
N SER A 77 8.92 -6.16 6.64
CA SER A 77 10.17 -5.78 7.36
C SER A 77 10.85 -4.58 6.77
N PHE A 78 11.05 -4.60 5.45
CA PHE A 78 11.65 -3.48 4.76
C PHE A 78 10.82 -2.21 4.81
N ASP A 79 9.50 -2.33 4.64
CA ASP A 79 8.61 -1.18 4.69
C ASP A 79 8.73 -0.50 6.08
N ALA A 80 8.77 -1.32 7.15
CA ALA A 80 8.88 -0.79 8.46
C ALA A 80 10.17 0.04 8.65
N ALA A 81 11.26 -0.47 8.13
CA ALA A 81 12.54 0.21 8.18
C ALA A 81 12.51 1.52 7.41
N ILE A 82 11.98 1.48 6.19
CA ILE A 82 11.85 2.70 5.39
C ILE A 82 11.02 3.79 6.10
N LEU A 83 9.84 3.39 6.60
CA LEU A 83 8.90 4.32 7.13
C LEU A 83 9.41 4.87 8.45
N LYS A 84 10.05 3.99 9.23
CA LYS A 84 10.62 4.41 10.49
C LYS A 84 11.75 5.40 10.29
N LEU A 85 12.50 5.24 9.23
CA LEU A 85 13.56 6.23 8.89
C LEU A 85 13.00 7.61 8.46
N GLY A 86 11.70 7.69 8.13
CA GLY A 86 11.03 8.90 7.79
C GLY A 86 10.88 9.03 6.23
N SER A 87 11.23 7.99 5.51
CA SER A 87 11.05 7.95 4.05
C SER A 87 9.71 7.35 3.62
N LYS A 88 9.47 7.27 2.32
CA LYS A 88 8.21 6.81 1.74
C LYS A 88 8.51 5.64 0.79
N VAL A 89 7.49 4.82 0.56
CA VAL A 89 7.56 3.67 -0.25
C VAL A 89 6.29 3.37 -0.99
N LEU A 90 6.47 2.96 -2.24
CA LEU A 90 5.40 2.37 -3.01
C LEU A 90 5.74 0.93 -3.30
N ASN A 91 4.71 0.12 -3.34
CA ASN A 91 4.81 -1.30 -3.34
C ASN A 91 4.32 -1.84 -4.66
N ILE A 92 5.07 -2.76 -5.26
CA ILE A 92 4.57 -3.64 -6.33
C ILE A 92 4.70 -5.07 -5.76
N THR A 93 3.63 -5.81 -5.83
CA THR A 93 3.45 -7.13 -5.25
C THR A 93 2.85 -8.04 -6.28
N ASP A 94 3.38 -9.23 -6.50
CA ASP A 94 2.75 -10.19 -7.45
C ASP A 94 3.22 -11.60 -7.04
N MET A 95 2.42 -12.57 -7.43
CA MET A 95 2.68 -13.98 -7.17
C MET A 95 3.93 -14.50 -7.87
N ASN A 96 4.20 -13.96 -9.05
CA ASN A 96 5.34 -14.34 -9.84
C ASN A 96 5.72 -13.15 -10.70
N SER A 97 6.90 -13.25 -11.25
CA SER A 97 7.49 -12.21 -12.02
C SER A 97 6.84 -12.09 -13.41
N THR A 98 6.26 -13.15 -13.97
CA THR A 98 5.73 -13.05 -15.27
C THR A 98 4.43 -12.29 -15.30
N SER A 99 3.66 -12.33 -14.19
CA SER A 99 2.42 -11.55 -14.11
C SER A 99 2.76 -10.09 -14.14
N PHE A 100 3.90 -9.70 -13.62
CA PHE A 100 4.26 -8.34 -13.61
C PHE A 100 4.93 -7.86 -14.94
N TYR A 101 5.98 -8.56 -15.43
CA TYR A 101 6.70 -8.09 -16.59
C TYR A 101 5.84 -8.18 -17.85
N LYS A 102 5.11 -9.30 -17.94
CA LYS A 102 4.33 -9.66 -19.09
C LYS A 102 5.22 -9.64 -20.27
N GLY A 103 5.00 -8.80 -21.25
CA GLY A 103 5.92 -8.86 -22.42
C GLY A 103 7.26 -8.17 -22.11
N GLU A 104 7.34 -7.32 -21.08
CA GLU A 104 8.33 -6.31 -21.08
C GLU A 104 9.55 -6.91 -20.48
N THR A 105 10.69 -6.41 -20.92
CA THR A 105 11.96 -6.87 -20.43
C THR A 105 12.21 -6.28 -19.06
N VAL A 106 13.01 -7.00 -18.30
CA VAL A 106 13.30 -6.60 -16.99
C VAL A 106 14.13 -5.33 -17.14
N GLU A 107 14.97 -5.30 -18.14
CA GLU A 107 15.85 -4.13 -18.36
C GLU A 107 15.04 -2.82 -18.62
N ASP A 108 13.97 -2.90 -19.40
CA ASP A 108 13.09 -1.69 -19.68
C ASP A 108 12.40 -1.22 -18.35
N ALA A 109 11.82 -2.20 -17.67
CA ALA A 109 11.04 -1.97 -16.42
C ALA A 109 11.93 -1.32 -15.40
N PHE A 110 13.20 -1.72 -15.29
CA PHE A 110 14.05 -1.12 -14.27
C PHE A 110 14.66 0.22 -14.64
N LYS A 111 14.90 0.36 -15.91
CA LYS A 111 15.31 1.62 -16.46
C LYS A 111 14.28 2.74 -16.14
N ILE A 112 13.03 2.43 -16.33
CA ILE A 112 11.95 3.41 -16.12
C ILE A 112 11.67 3.63 -14.61
N LEU A 113 11.55 2.51 -13.90
CA LEU A 113 11.25 2.59 -12.50
C LEU A 113 12.31 3.40 -11.76
N SER A 114 13.55 3.23 -12.15
CA SER A 114 14.66 3.91 -11.54
C SER A 114 14.57 5.39 -11.77
N THR A 115 13.92 5.85 -12.84
CA THR A 115 13.73 7.33 -12.97
C THR A 115 12.64 7.88 -12.06
N TYR A 116 11.85 7.05 -11.42
CA TYR A 116 10.74 7.54 -10.57
C TYR A 116 11.10 7.57 -9.09
N VAL A 117 12.07 6.78 -8.65
CA VAL A 117 12.36 6.61 -7.23
C VAL A 117 13.88 6.75 -6.96
N ASP A 118 14.23 6.83 -5.68
CA ASP A 118 15.58 6.97 -5.18
C ASP A 118 16.23 5.65 -5.02
N GLY A 119 15.47 4.59 -4.80
CA GLY A 119 16.12 3.28 -4.73
C GLY A 119 15.06 2.25 -4.72
N ILE A 120 15.45 0.99 -4.91
CA ILE A 120 14.52 -0.07 -5.15
C ILE A 120 14.92 -1.26 -4.28
N ILE A 121 13.93 -1.87 -3.61
CA ILE A 121 14.14 -3.13 -2.91
C ILE A 121 13.51 -4.19 -3.76
N TYR A 122 14.28 -5.22 -4.13
CA TYR A 122 13.81 -6.18 -5.09
C TYR A 122 13.94 -7.60 -4.63
N ARG A 123 12.84 -8.32 -4.70
CA ARG A 123 12.80 -9.74 -4.33
C ARG A 123 12.17 -10.52 -5.47
N ASP A 124 12.88 -11.51 -5.98
CA ASP A 124 12.41 -12.25 -7.14
C ASP A 124 13.04 -13.63 -7.07
N PRO A 125 12.24 -14.69 -7.11
CA PRO A 125 12.83 -16.02 -7.13
C PRO A 125 13.80 -16.30 -8.31
N SER A 126 13.75 -15.58 -9.41
CA SER A 126 14.77 -15.70 -10.44
C SER A 126 16.09 -15.04 -10.03
N LYS A 127 17.11 -15.87 -10.02
CA LYS A 127 18.53 -15.49 -10.02
C LYS A 127 19.01 -14.40 -11.00
N LYS A 128 18.65 -14.58 -12.25
CA LYS A 128 19.12 -13.70 -13.33
C LYS A 128 18.52 -12.32 -13.24
N ASN A 129 17.19 -12.28 -12.96
CA ASN A 129 16.43 -10.99 -12.95
C ASN A 129 17.05 -9.89 -12.11
N VAL A 130 17.62 -10.25 -10.99
CA VAL A 130 18.11 -9.26 -10.11
C VAL A 130 19.31 -8.62 -10.73
N ASP A 131 20.15 -9.45 -11.32
CA ASP A 131 21.37 -8.98 -11.91
C ASP A 131 21.04 -8.15 -13.13
N ILE A 132 20.05 -8.52 -13.94
CA ILE A 132 19.58 -7.66 -15.05
C ILE A 132 19.12 -6.31 -14.49
N ALA A 133 18.31 -6.34 -13.43
CA ALA A 133 17.77 -5.18 -12.82
C ALA A 133 18.86 -4.21 -12.40
N VAL A 134 19.94 -4.72 -11.81
CA VAL A 134 20.99 -3.86 -11.29
C VAL A 134 21.75 -3.23 -12.43
N SER A 135 22.03 -3.98 -13.50
CA SER A 135 22.73 -3.35 -14.60
C SER A 135 21.82 -2.40 -15.40
N SER A 136 20.49 -2.50 -15.32
CA SER A 136 19.61 -1.55 -15.95
C SER A 136 19.19 -0.39 -15.13
N SER A 137 19.28 -0.51 -13.82
CA SER A 137 18.83 0.54 -12.93
C SER A 137 19.80 1.67 -12.87
N SER A 138 19.30 2.92 -12.95
CA SER A 138 20.14 4.06 -12.59
C SER A 138 20.11 4.38 -11.07
N LYS A 139 19.53 3.52 -10.25
CA LYS A 139 19.48 3.76 -8.82
C LYS A 139 19.87 2.47 -8.07
N PRO A 140 20.36 2.62 -6.85
CA PRO A 140 20.68 1.43 -6.04
C PRO A 140 19.55 0.49 -5.87
N ILE A 141 19.89 -0.79 -5.84
CA ILE A 141 18.97 -1.89 -5.57
C ILE A 141 19.52 -2.66 -4.35
N ILE A 142 18.57 -2.99 -3.44
CA ILE A 142 18.79 -3.92 -2.42
C ILE A 142 18.09 -5.17 -2.73
N ASN A 143 18.84 -6.28 -2.80
CA ASN A 143 18.26 -7.57 -3.10
C ASN A 143 17.71 -8.08 -1.77
N ALA A 144 16.44 -8.40 -1.79
CA ALA A 144 15.71 -8.88 -0.60
C ALA A 144 15.49 -10.37 -0.68
N GLY A 145 16.19 -11.03 -1.62
CA GLY A 145 16.23 -12.51 -1.71
C GLY A 145 15.98 -12.96 -3.12
N ASN A 146 16.76 -13.91 -3.64
CA ASN A 146 16.59 -14.31 -5.06
C ASN A 146 16.88 -15.76 -5.28
N GLY A 147 16.78 -16.19 -6.53
CA GLY A 147 16.90 -17.61 -6.87
C GLY A 147 18.21 -18.26 -6.60
N THR A 148 19.26 -17.46 -6.63
CA THR A 148 20.62 -17.89 -6.47
C THR A 148 21.01 -17.84 -5.01
N GLY A 149 20.06 -17.99 -4.08
CA GLY A 149 20.48 -18.12 -2.69
C GLY A 149 21.27 -16.94 -2.10
N GLU A 150 21.01 -15.74 -2.58
CA GLU A 150 21.65 -14.58 -2.00
C GLU A 150 20.49 -13.83 -1.32
N HIS A 151 20.76 -13.51 -0.05
CA HIS A 151 19.86 -12.80 0.79
C HIS A 151 20.70 -12.01 1.74
N PRO A 152 21.35 -10.99 1.23
CA PRO A 152 22.39 -10.39 2.02
C PRO A 152 21.94 -9.69 3.31
N THR A 153 20.72 -9.13 3.36
CA THR A 153 20.28 -8.39 4.54
C THR A 153 19.97 -9.35 5.64
N GLN A 154 19.43 -10.52 5.29
CA GLN A 154 19.34 -11.63 6.25
C GLN A 154 20.71 -12.03 6.84
N SER A 155 21.75 -12.16 6.01
CA SER A 155 23.07 -12.44 6.48
C SER A 155 23.61 -11.44 7.43
N LEU A 156 23.41 -10.20 7.06
CA LEU A 156 23.82 -9.05 7.89
C LEU A 156 23.21 -9.08 9.22
N LEU A 157 21.89 -9.34 9.29
CA LEU A 157 21.18 -9.29 10.58
C LEU A 157 21.51 -10.52 11.43
N ASP A 158 21.65 -11.64 10.79
CA ASP A 158 22.13 -12.88 11.43
C ASP A 158 23.53 -12.66 12.10
N PHE A 159 24.42 -12.00 11.35
CA PHE A 159 25.78 -11.76 11.75
C PHE A 159 25.80 -10.80 12.91
N TYR A 160 25.00 -9.75 12.76
CA TYR A 160 24.84 -8.78 13.90
C TYR A 160 24.42 -9.54 15.18
N THR A 161 23.48 -10.49 15.06
CA THR A 161 22.96 -11.17 16.22
C THR A 161 24.04 -12.08 16.77
N ILE A 162 24.73 -12.84 15.89
CA ILE A 162 25.81 -13.67 16.33
C ILE A 162 26.90 -12.86 17.08
N HIS A 163 27.32 -11.80 16.46
CA HIS A 163 28.34 -10.92 16.97
C HIS A 163 27.99 -10.33 18.30
N ASN A 164 26.72 -10.07 18.54
CA ASN A 164 26.30 -9.71 19.91
C ASN A 164 26.65 -10.67 20.99
N TYR A 165 26.45 -11.95 20.75
CA TYR A 165 26.77 -12.99 21.75
C TYR A 165 28.19 -13.53 21.71
N PHE A 166 28.87 -13.42 20.55
CA PHE A 166 30.25 -13.93 20.37
C PHE A 166 31.02 -12.89 19.59
N PRO A 167 31.39 -11.82 20.26
CA PRO A 167 32.00 -10.72 19.54
C PRO A 167 33.41 -11.03 18.99
N PHE A 168 34.03 -12.06 19.50
CA PHE A 168 35.30 -12.49 18.93
C PHE A 168 35.22 -12.94 17.46
N ILE A 169 34.02 -13.13 16.87
CA ILE A 169 33.95 -13.57 15.50
C ILE A 169 34.63 -12.58 14.55
N LEU A 170 34.72 -11.32 14.95
CA LEU A 170 35.31 -10.27 14.14
C LEU A 170 36.81 -10.28 14.24
N ASP A 171 37.37 -10.93 15.24
CA ASP A 171 38.82 -10.80 15.47
C ASP A 171 39.75 -11.59 14.51
N ARG A 172 39.25 -12.64 13.87
CA ARG A 172 40.17 -13.56 13.16
C ARG A 172 41.45 -13.94 13.98
N ASN A 173 41.20 -14.28 15.24
CA ASN A 173 42.17 -14.82 16.17
C ASN A 173 42.11 -16.32 15.98
N ILE A 174 43.29 -16.95 15.70
CA ILE A 174 43.40 -18.36 15.40
C ILE A 174 42.94 -19.20 16.58
N ASN A 175 43.09 -18.67 17.80
CA ASN A 175 42.64 -19.39 19.02
C ASN A 175 41.19 -19.17 19.45
N LYS A 176 40.39 -18.40 18.68
CA LYS A 176 39.00 -18.19 19.05
C LYS A 176 38.14 -18.44 17.82
N LYS A 177 37.76 -19.70 17.69
CA LYS A 177 36.97 -20.18 16.58
C LYS A 177 35.54 -20.23 17.00
N LEU A 178 34.66 -19.76 16.12
CA LEU A 178 33.21 -19.91 16.31
C LEU A 178 32.79 -21.15 15.53
N ASN A 179 31.99 -21.98 16.19
CA ASN A 179 31.47 -23.22 15.64
C ASN A 179 29.96 -23.02 15.44
N ILE A 180 29.45 -23.32 14.24
CA ILE A 180 28.02 -23.10 14.01
C ILE A 180 27.43 -24.37 13.37
N ALA A 181 26.22 -24.80 13.80
CA ALA A 181 25.49 -25.83 13.15
C ALA A 181 24.32 -25.19 12.38
N PHE A 182 24.23 -25.50 11.09
CA PHE A 182 23.08 -25.23 10.28
C PHE A 182 22.29 -26.52 10.17
N VAL A 183 21.00 -26.44 10.46
CA VAL A 183 20.14 -27.59 10.61
C VAL A 183 18.89 -27.41 9.76
N GLY A 184 18.67 -28.31 8.80
CA GLY A 184 17.37 -28.47 8.14
C GLY A 184 17.59 -28.62 6.64
N ASP A 185 17.02 -27.70 5.87
CA ASP A 185 17.10 -27.75 4.43
C ASP A 185 18.27 -26.90 3.96
N LEU A 186 19.39 -27.56 3.76
CA LEU A 186 20.62 -26.85 3.39
C LEU A 186 20.69 -26.58 1.89
N LYS A 187 19.99 -27.43 1.17
CA LYS A 187 19.94 -27.44 -0.30
C LYS A 187 19.25 -26.16 -0.79
N ASN A 188 18.04 -25.92 -0.31
CA ASN A 188 17.21 -24.82 -0.77
C ASN A 188 17.30 -23.64 0.23
N GLY A 189 18.04 -23.72 1.34
CA GLY A 189 18.11 -22.60 2.30
C GLY A 189 18.90 -21.39 1.81
N ARG A 190 18.20 -20.39 1.29
CA ARG A 190 18.79 -19.11 0.86
C ARG A 190 19.61 -18.47 2.01
N THR A 191 18.97 -18.48 3.15
CA THR A 191 19.55 -17.92 4.35
C THR A 191 20.93 -18.56 4.75
N VAL A 192 20.97 -19.86 4.67
CA VAL A 192 22.19 -20.61 4.93
C VAL A 192 23.33 -20.32 3.95
N HIS A 193 23.03 -20.23 2.68
CA HIS A 193 24.07 -20.00 1.67
C HIS A 193 24.76 -18.68 1.88
N SER A 194 23.95 -17.68 2.15
CA SER A 194 24.42 -16.34 2.25
C SER A 194 25.23 -16.10 3.55
N LEU A 195 24.70 -16.64 4.63
CA LEU A 195 25.39 -16.47 5.91
C LEU A 195 26.70 -17.27 5.92
N SER A 196 26.68 -18.47 5.36
CA SER A 196 27.94 -19.30 5.25
C SER A 196 29.06 -18.57 4.53
N LYS A 197 28.71 -17.93 3.45
CA LYS A 197 29.62 -17.16 2.68
C LYS A 197 30.25 -16.01 3.50
N LEU A 198 29.44 -15.37 4.34
CA LEU A 198 29.90 -14.30 5.18
C LEU A 198 30.71 -14.82 6.37
N LEU A 199 30.23 -15.89 7.03
CA LEU A 199 30.94 -16.42 8.18
C LEU A 199 32.33 -16.97 7.78
N SER A 200 32.46 -17.45 6.54
CA SER A 200 33.66 -18.16 6.11
C SER A 200 34.82 -17.22 5.87
N ARG A 201 34.54 -15.94 5.96
CA ARG A 201 35.59 -14.89 5.97
C ARG A 201 36.21 -14.74 7.34
N TYR A 202 35.73 -15.50 8.34
CA TYR A 202 36.16 -15.34 9.74
C TYR A 202 36.61 -16.67 10.18
N ASN A 203 37.07 -16.74 11.42
CA ASN A 203 37.52 -18.00 11.95
C ASN A 203 36.32 -18.82 12.40
N VAL A 204 35.80 -19.67 11.51
CA VAL A 204 34.57 -20.35 11.79
C VAL A 204 34.65 -21.75 11.28
N SER A 205 34.08 -22.67 12.00
CA SER A 205 33.88 -23.98 11.59
C SER A 205 32.37 -24.31 11.55
N PHE A 206 31.99 -25.27 10.72
CA PHE A 206 30.62 -25.51 10.26
C PHE A 206 30.17 -26.92 10.42
N ASN A 207 29.07 -27.15 11.08
CA ASN A 207 28.34 -28.38 11.09
C ASN A 207 27.05 -28.29 10.23
N PHE A 208 26.98 -29.12 9.20
CA PHE A 208 25.80 -29.22 8.36
C PHE A 208 24.93 -30.43 8.71
N VAL A 209 23.77 -30.18 9.30
CA VAL A 209 22.90 -31.26 9.68
C VAL A 209 21.73 -31.29 8.75
N SER A 210 21.58 -32.36 7.98
CA SER A 210 20.47 -32.53 7.04
C SER A 210 20.20 -33.93 6.62
N CYS A 211 19.10 -34.13 5.92
CA CYS A 211 18.78 -35.38 5.30
C CYS A 211 19.51 -35.42 3.96
N LYS A 212 19.67 -36.63 3.40
CA LYS A 212 20.49 -36.77 2.20
C LYS A 212 20.03 -35.90 1.04
N SER A 213 18.73 -35.85 0.83
CA SER A 213 18.14 -35.06 -0.24
C SER A 213 18.36 -33.54 -0.14
N LEU A 214 18.49 -33.05 1.09
CA LEU A 214 18.64 -31.62 1.31
C LEU A 214 20.04 -31.15 1.68
N ASN A 215 21.08 -31.88 1.30
CA ASN A 215 22.44 -31.47 1.67
C ASN A 215 22.90 -30.15 1.12
N ILE A 216 23.89 -29.58 1.75
CA ILE A 216 24.43 -28.31 1.33
C ILE A 216 25.04 -28.44 -0.11
N PRO A 217 24.83 -27.49 -1.00
CA PRO A 217 25.47 -27.69 -2.35
C PRO A 217 27.00 -27.51 -2.31
N LYS A 218 27.69 -28.20 -3.19
CA LYS A 218 29.17 -28.26 -3.24
C LYS A 218 29.73 -26.92 -3.43
N ASP A 219 29.09 -26.11 -4.24
CA ASP A 219 29.61 -24.75 -4.50
C ASP A 219 29.60 -23.87 -3.26
N ILE A 220 28.71 -24.12 -2.30
CA ILE A 220 28.76 -23.44 -0.99
C ILE A 220 29.95 -23.93 -0.23
N VAL A 221 30.13 -25.24 -0.24
CA VAL A 221 31.35 -25.88 0.37
C VAL A 221 32.66 -25.33 -0.23
N ASN A 222 32.69 -25.13 -1.54
CA ASN A 222 33.83 -24.55 -2.23
C ASN A 222 34.09 -23.14 -1.77
N THR A 223 33.01 -22.33 -1.68
CA THR A 223 33.14 -20.95 -1.31
C THR A 223 33.61 -20.87 0.13
N ILE A 224 33.02 -21.68 1.00
CA ILE A 224 33.49 -21.72 2.42
C ILE A 224 34.98 -22.05 2.52
N THR A 225 35.35 -23.17 1.87
CA THR A 225 36.74 -23.71 1.88
C THR A 225 37.74 -22.67 1.37
N TYR A 226 37.40 -22.09 0.23
CA TYR A 226 38.16 -21.01 -0.37
C TYR A 226 38.31 -19.82 0.53
N ASN A 227 37.20 -19.36 1.15
CA ASN A 227 37.29 -18.26 2.07
C ASN A 227 38.11 -18.53 3.36
N LEU A 228 37.94 -19.71 3.96
CA LEU A 228 38.74 -20.11 5.13
C LEU A 228 40.23 -20.18 4.77
N LYS A 229 40.56 -20.85 3.63
CA LYS A 229 41.96 -21.01 3.20
C LYS A 229 42.61 -19.67 3.03
N LYS A 230 41.88 -18.74 2.51
CA LYS A 230 42.39 -17.44 2.32
C LYS A 230 42.87 -16.76 3.57
N ASN A 231 42.24 -16.98 4.73
CA ASN A 231 42.80 -16.47 6.02
C ASN A 231 43.50 -17.52 6.90
N ASN A 232 43.91 -18.64 6.33
CA ASN A 232 44.51 -19.79 7.06
C ASN A 232 43.66 -20.37 8.19
N PHE A 233 42.34 -20.40 8.00
CA PHE A 233 41.42 -21.00 8.99
C PHE A 233 40.85 -22.30 8.54
N TYR A 234 41.35 -22.85 7.45
CA TYR A 234 40.82 -24.07 6.92
C TYR A 234 41.63 -25.20 7.48
N SER A 235 40.97 -26.20 8.05
CA SER A 235 41.61 -27.49 8.41
C SER A 235 40.58 -28.54 8.01
N ASP A 236 40.96 -29.82 8.13
CA ASP A 236 40.06 -30.90 7.73
C ASP A 236 38.90 -30.98 8.71
N ASP A 237 39.00 -30.38 9.89
CA ASP A 237 37.91 -30.23 10.83
C ASP A 237 36.91 -29.11 10.53
N SER A 238 37.11 -28.33 9.46
CA SER A 238 36.40 -27.08 9.33
C SER A 238 34.95 -27.23 8.96
N ILE A 239 34.64 -28.23 8.15
CA ILE A 239 33.30 -28.60 7.78
C ILE A 239 33.03 -30.04 8.13
N LYS A 240 32.05 -30.31 8.99
CA LYS A 240 31.56 -31.65 9.22
C LYS A 240 30.10 -31.81 8.79
N TYR A 241 29.71 -33.03 8.55
CA TYR A 241 28.38 -33.35 8.03
C TYR A 241 27.78 -34.37 8.98
N PHE A 242 26.58 -34.13 9.49
CA PHE A 242 25.92 -35.05 10.41
C PHE A 242 24.55 -35.40 9.92
N ASP A 243 23.91 -36.23 10.67
CA ASP A 243 22.87 -37.14 10.30
C ASP A 243 21.77 -36.89 11.31
N ASN A 244 22.15 -36.71 12.59
CA ASN A 244 21.28 -36.54 13.73
C ASN A 244 21.75 -35.26 14.38
N LEU A 245 20.87 -34.74 15.22
CA LEU A 245 21.15 -33.56 16.00
C LEU A 245 22.19 -33.77 17.07
N GLU A 246 21.98 -34.83 17.83
CA GLU A 246 22.79 -35.15 19.02
C GLU A 246 24.29 -35.02 18.69
N GLU A 247 24.73 -35.61 17.59
CA GLU A 247 26.08 -35.39 17.12
C GLU A 247 26.30 -33.99 16.48
N GLY A 248 25.40 -33.55 15.59
CA GLY A 248 25.52 -32.22 14.97
C GLY A 248 25.61 -31.02 15.94
N LEU A 249 24.94 -31.09 17.07
CA LEU A 249 24.85 -29.95 17.97
C LEU A 249 25.96 -29.87 18.97
N GLU A 250 26.92 -30.79 18.85
CA GLU A 250 27.83 -31.02 19.93
C GLU A 250 28.65 -29.81 20.44
N ASP A 251 29.58 -29.25 19.71
CA ASP A 251 30.35 -28.22 20.39
C ASP A 251 30.14 -26.90 19.72
N VAL A 252 28.88 -26.49 19.54
CA VAL A 252 28.59 -25.29 18.67
C VAL A 252 28.08 -24.11 19.44
N HIS A 253 28.67 -22.97 19.15
CA HIS A 253 28.25 -21.70 19.75
C HIS A 253 26.89 -21.15 19.19
N ILE A 254 26.58 -21.50 17.95
CA ILE A 254 25.36 -21.12 17.35
C ILE A 254 24.64 -22.31 16.71
N ILE A 255 23.35 -22.45 17.01
CA ILE A 255 22.47 -23.33 16.26
C ILE A 255 21.55 -22.51 15.38
N TYR A 256 21.60 -22.76 14.07
CA TYR A 256 20.80 -22.01 13.07
C TYR A 256 19.88 -22.99 12.41
N MET A 257 18.60 -22.94 12.77
CA MET A 257 17.56 -23.80 12.25
C MET A 257 17.00 -23.11 11.04
N THR A 258 16.80 -23.83 9.96
CA THR A 258 16.23 -23.32 8.74
C THR A 258 14.74 -23.50 8.80
N ARG A 259 14.01 -22.81 7.94
CA ARG A 259 12.63 -23.15 7.79
C ARG A 259 12.58 -24.44 6.96
N ILE A 260 11.53 -25.18 7.10
CA ILE A 260 11.33 -26.30 6.25
C ILE A 260 9.99 -26.01 5.64
N GLN A 261 9.99 -25.46 4.44
CA GLN A 261 8.70 -25.01 3.84
C GLN A 261 8.08 -25.95 2.83
N LYS A 262 6.77 -26.13 2.98
CA LYS A 262 6.02 -27.07 2.16
C LYS A 262 6.25 -27.07 0.64
N GLU A 263 6.45 -25.89 0.03
CA GLU A 263 6.53 -25.72 -1.46
C GLU A 263 7.59 -26.67 -2.02
N ARG A 264 8.81 -26.51 -1.55
CA ARG A 264 9.96 -27.38 -1.91
C ARG A 264 9.80 -28.93 -1.69
N TYR A 271 7.81 -34.35 1.83
CA TYR A 271 7.80 -33.14 2.67
C TYR A 271 7.40 -33.41 4.12
N ASN A 272 6.74 -34.53 4.30
CA ASN A 272 6.16 -34.99 5.56
C ASN A 272 7.27 -35.74 6.27
N GLN A 273 8.18 -36.29 5.47
CA GLN A 273 9.37 -36.97 5.95
C GLN A 273 10.39 -35.88 6.33
N TYR A 274 10.50 -34.84 5.52
CA TYR A 274 11.47 -33.80 5.84
C TYR A 274 11.09 -32.97 7.05
N LYS A 275 9.81 -32.65 7.19
CA LYS A 275 9.35 -31.71 8.22
C LYS A 275 9.58 -32.22 9.65
N ASN A 276 9.66 -33.54 9.82
CA ASN A 276 9.87 -34.08 11.15
C ASN A 276 11.24 -34.63 11.50
N ALA A 277 12.17 -34.46 10.60
CA ALA A 277 13.51 -35.00 10.78
C ALA A 277 14.30 -34.36 11.93
N PHE A 278 14.22 -33.02 12.04
CA PHE A 278 15.03 -32.27 13.00
C PHE A 278 14.23 -31.21 13.75
N ILE A 279 13.57 -31.61 14.82
CA ILE A 279 12.82 -30.70 15.65
C ILE A 279 13.58 -30.36 16.91
N LEU A 280 13.81 -29.08 17.18
CA LEU A 280 14.58 -28.68 18.34
C LEU A 280 13.69 -28.66 19.56
N SER A 281 14.06 -29.46 20.56
CA SER A 281 13.37 -29.53 21.85
C SER A 281 14.35 -29.18 22.96
N ASN A 282 13.86 -28.97 24.15
CA ASN A 282 14.73 -28.82 25.30
C ASN A 282 15.61 -30.13 25.55
N LYS A 283 15.07 -31.32 25.22
CA LYS A 283 15.86 -32.53 25.20
C LYS A 283 17.08 -32.50 24.30
N THR A 284 16.86 -32.14 23.02
CA THR A 284 17.93 -32.11 22.07
C THR A 284 18.94 -31.00 22.44
N LEU A 285 18.62 -30.12 23.39
CA LEU A 285 19.51 -29.06 23.86
C LEU A 285 20.29 -29.36 25.13
N GLU A 286 20.07 -30.49 25.75
CA GLU A 286 20.68 -30.72 27.11
C GLU A 286 22.21 -30.77 27.07
N ASN A 287 22.75 -31.38 26.01
CA ASN A 287 24.21 -31.53 25.80
C ASN A 287 24.72 -30.66 24.71
N THR A 288 24.33 -29.40 24.72
CA THR A 288 24.98 -28.37 23.93
C THR A 288 25.75 -27.60 24.93
N ARG A 289 26.60 -26.72 24.49
CA ARG A 289 27.29 -25.86 25.43
C ARG A 289 26.31 -24.97 26.15
N ASP A 290 26.65 -24.61 27.39
CA ASP A 290 25.93 -23.60 28.17
C ASP A 290 25.69 -22.30 27.42
N ASP A 291 26.61 -21.84 26.56
CA ASP A 291 26.53 -20.51 25.99
C ASP A 291 25.94 -20.51 24.53
N THR A 292 25.50 -21.67 24.05
CA THR A 292 25.01 -21.69 22.73
C THR A 292 23.71 -20.85 22.60
N LYS A 293 23.54 -20.21 21.44
CA LYS A 293 22.39 -19.43 21.10
C LYS A 293 21.75 -20.03 19.86
N ILE A 294 20.43 -20.04 19.86
CA ILE A 294 19.64 -20.59 18.78
C ILE A 294 19.03 -19.44 17.91
N LEU A 295 19.27 -19.50 16.58
CA LEU A 295 18.77 -18.59 15.63
C LEU A 295 17.93 -19.36 14.63
N HIS A 296 17.01 -18.64 14.01
CA HIS A 296 16.01 -19.19 13.10
C HIS A 296 15.52 -17.94 12.32
N PRO A 297 15.55 -17.98 10.99
CA PRO A 297 15.23 -16.76 10.23
C PRO A 297 13.74 -16.36 10.25
N LEU A 298 12.85 -17.28 10.60
CA LEU A 298 11.40 -17.09 10.84
C LEU A 298 10.64 -16.90 9.55
N PRO A 299 9.35 -17.14 9.55
CA PRO A 299 8.59 -17.76 10.63
C PRO A 299 8.93 -19.22 10.93
N ARG A 300 8.74 -19.61 12.17
CA ARG A 300 8.80 -20.97 12.60
C ARG A 300 7.48 -21.64 12.57
N VAL A 301 7.43 -22.86 12.06
CA VAL A 301 6.24 -23.71 12.15
C VAL A 301 6.49 -24.84 13.18
N ASN A 302 7.10 -25.97 12.88
CA ASN A 302 7.31 -26.99 13.89
C ASN A 302 8.75 -27.28 14.12
N GLU A 303 9.62 -26.50 13.51
CA GLU A 303 11.07 -26.77 13.55
C GLU A 303 11.62 -26.62 14.97
N ILE A 304 10.98 -25.75 15.78
CA ILE A 304 11.41 -25.51 17.15
C ILE A 304 10.17 -25.52 17.98
N LYS A 305 10.09 -26.42 18.98
CA LYS A 305 9.00 -26.51 19.93
C LYS A 305 8.93 -25.27 20.77
N VAL A 306 7.70 -24.95 21.18
CA VAL A 306 7.42 -23.70 21.87
C VAL A 306 8.11 -23.60 23.20
N GLU A 307 8.31 -24.76 23.83
CA GLU A 307 9.10 -24.82 25.07
C GLU A 307 10.49 -24.17 24.94
N VAL A 308 11.13 -24.29 23.77
CA VAL A 308 12.44 -23.70 23.61
C VAL A 308 12.44 -22.16 23.69
N ASP A 309 11.28 -21.51 23.50
CA ASP A 309 11.18 -20.05 23.61
C ASP A 309 11.52 -19.52 24.99
N SER A 310 11.24 -20.33 26.03
CA SER A 310 11.57 -19.92 27.42
C SER A 310 13.01 -20.25 27.78
N ASN A 311 13.61 -21.19 27.03
CA ASN A 311 15.00 -21.54 27.24
C ASN A 311 15.83 -20.32 26.89
N PRO A 312 16.60 -19.78 27.83
CA PRO A 312 17.43 -18.60 27.49
C PRO A 312 18.48 -18.78 26.31
N LYS A 313 18.68 -19.99 25.81
CA LYS A 313 19.55 -20.17 24.71
C LYS A 313 18.90 -19.66 23.39
N SER A 314 17.58 -19.50 23.39
CA SER A 314 16.85 -19.08 22.21
C SER A 314 16.90 -17.61 22.02
N VAL A 315 17.32 -17.13 20.84
CA VAL A 315 17.43 -15.71 20.55
C VAL A 315 16.76 -15.28 19.20
N TYR A 316 15.96 -16.18 18.60
CA TYR A 316 15.33 -15.95 17.32
C TYR A 316 14.36 -14.77 17.25
N PHE A 317 13.70 -14.43 18.36
CA PHE A 317 12.79 -13.24 18.34
C PHE A 317 13.63 -11.98 18.46
N THR A 318 14.76 -12.00 19.18
CA THR A 318 15.69 -10.86 19.22
C THR A 318 16.34 -10.69 17.84
N GLN A 319 16.70 -11.82 17.21
CA GLN A 319 17.28 -11.82 15.91
C GLN A 319 16.32 -11.08 14.91
N ALA A 320 15.07 -11.39 14.93
CA ALA A 320 14.12 -10.75 14.02
C ALA A 320 13.94 -9.27 14.34
N GLU A 321 13.84 -8.96 15.60
CA GLU A 321 13.90 -7.54 16.01
C GLU A 321 15.15 -6.82 15.52
N ASN A 322 16.31 -7.51 15.64
CA ASN A 322 17.55 -6.90 15.14
C ASN A 322 17.50 -6.51 13.67
N GLY A 323 16.71 -7.22 12.89
CA GLY A 323 16.57 -6.97 11.48
C GLY A 323 16.02 -5.54 11.24
N LEU A 324 15.22 -5.00 12.16
CA LEU A 324 14.76 -3.60 12.00
C LEU A 324 15.98 -2.68 11.97
N TYR A 325 16.88 -2.90 12.90
CA TYR A 325 17.96 -2.02 13.12
C TYR A 325 18.94 -2.09 11.97
N VAL A 326 19.18 -3.33 11.50
CA VAL A 326 20.14 -3.57 10.46
C VAL A 326 19.66 -3.05 9.08
N ARG A 327 18.39 -3.30 8.75
CA ARG A 327 17.81 -2.77 7.55
C ARG A 327 17.79 -1.19 7.56
N MET A 328 17.39 -0.58 8.68
CA MET A 328 17.50 0.89 8.87
C MET A 328 18.93 1.39 8.60
N ALA A 329 19.90 0.70 9.15
CA ALA A 329 21.33 1.03 9.07
C ALA A 329 21.80 0.97 7.66
N LEU A 330 21.45 -0.10 6.98
CA LEU A 330 21.84 -0.29 5.62
C LEU A 330 21.27 0.79 4.72
N LEU A 331 19.97 1.06 4.85
CA LEU A 331 19.37 2.06 4.08
C LEU A 331 19.95 3.43 4.33
N TYR A 332 20.22 3.69 5.60
CA TYR A 332 20.83 4.97 6.02
C TYR A 332 22.15 5.19 5.38
N LEU A 333 22.95 4.16 5.36
CA LEU A 333 24.36 4.26 4.90
C LEU A 333 24.41 4.50 3.39
N ILE A 334 23.46 3.90 2.67
CA ILE A 334 23.50 3.89 1.25
C ILE A 334 22.84 5.15 0.73
N PHE A 335 21.74 5.56 1.36
CA PHE A 335 20.95 6.63 0.80
C PHE A 335 21.08 7.99 1.43
N SER A 336 21.81 8.21 2.49
CA SER A 336 21.69 9.60 3.06
C SER A 336 22.53 10.62 2.30
N SER A 337 22.27 11.91 2.52
CA SER A 337 23.07 13.01 1.81
C SER A 337 24.13 13.65 2.72
N ASP B 11 -1.27 35.34 -14.96
CA ASP B 11 -0.30 34.25 -15.17
C ASP B 11 -0.50 33.18 -14.06
N LEU B 12 0.55 32.61 -13.47
CA LEU B 12 0.43 31.26 -12.97
C LEU B 12 -0.51 31.14 -11.74
N ASP B 13 -0.52 32.16 -10.85
CA ASP B 13 -1.42 32.12 -9.62
C ASP B 13 -2.85 32.24 -10.09
N LYS B 14 -3.08 33.10 -11.11
CA LYS B 14 -4.43 33.20 -11.72
C LYS B 14 -4.90 31.86 -12.31
N ILE B 15 -3.99 31.26 -13.07
CA ILE B 15 -4.24 29.95 -13.68
C ILE B 15 -4.45 28.89 -12.61
N MET B 16 -3.62 28.92 -11.58
CA MET B 16 -3.79 27.98 -10.48
C MET B 16 -5.13 28.12 -9.75
N THR B 17 -5.62 29.37 -9.64
CA THR B 17 -6.92 29.60 -8.97
C THR B 17 -8.05 29.02 -9.82
N LYS B 18 -7.86 29.17 -11.11
CA LYS B 18 -8.79 28.61 -12.09
C LYS B 18 -8.75 27.09 -12.00
N MET B 19 -7.54 26.51 -12.09
CA MET B 19 -7.36 25.01 -12.08
C MET B 19 -7.59 24.32 -10.74
N LYS B 20 -7.61 25.13 -9.67
CA LYS B 20 -7.78 24.62 -8.34
C LYS B 20 -9.07 23.86 -8.40
N ASN B 21 -9.02 22.68 -7.80
CA ASN B 21 -10.25 21.90 -7.69
C ASN B 21 -10.91 21.41 -8.95
N LYS B 22 -10.16 21.41 -10.02
CA LYS B 22 -10.59 20.83 -11.26
C LYS B 22 -10.41 19.29 -11.26
N SER B 23 -11.41 18.58 -11.64
CA SER B 23 -11.26 17.22 -12.08
C SER B 23 -10.71 17.13 -13.51
N VAL B 24 -9.81 16.17 -13.80
CA VAL B 24 -9.30 15.99 -15.13
C VAL B 24 -9.63 14.61 -15.59
N ILE B 25 -10.64 14.54 -16.40
CA ILE B 25 -11.17 13.33 -16.90
C ILE B 25 -10.79 13.03 -18.39
N ASN B 26 -10.87 14.09 -19.21
CA ASN B 26 -10.63 14.04 -20.64
C ASN B 26 -9.63 15.11 -21.00
N ILE B 27 -8.94 14.98 -22.13
CA ILE B 27 -7.90 15.98 -22.45
C ILE B 27 -8.61 17.33 -22.84
N ASP B 28 -9.86 17.24 -23.27
CA ASP B 28 -10.64 18.42 -23.50
C ASP B 28 -11.08 19.09 -22.20
N ASP B 29 -10.81 18.58 -21.01
CA ASP B 29 -10.92 19.43 -19.84
C ASP B 29 -9.78 20.39 -19.68
N VAL B 30 -8.74 20.35 -20.51
CA VAL B 30 -7.58 21.21 -20.33
C VAL B 30 -7.60 22.19 -21.49
N ASP B 31 -7.67 23.49 -21.21
CA ASP B 31 -7.72 24.49 -22.26
C ASP B 31 -6.29 25.05 -22.53
N ASP B 32 -6.14 26.03 -23.39
CA ASP B 32 -4.84 26.48 -23.82
C ASP B 32 -3.97 26.95 -22.67
N GLU B 33 -4.56 27.74 -21.79
CA GLU B 33 -3.81 28.38 -20.71
C GLU B 33 -3.49 27.37 -19.63
N GLU B 34 -4.40 26.47 -19.39
CA GLU B 34 -4.09 25.35 -18.46
C GLU B 34 -2.98 24.42 -18.97
N LEU B 35 -2.98 24.18 -20.27
CA LEU B 35 -1.89 23.47 -20.89
C LEU B 35 -0.58 24.23 -20.70
N LEU B 36 -0.57 25.53 -20.86
CA LEU B 36 0.64 26.26 -20.61
C LEU B 36 1.12 26.19 -19.16
N ALA B 37 0.22 26.27 -18.19
CA ALA B 37 0.62 26.19 -16.82
C ALA B 37 1.15 24.81 -16.50
N ILE B 38 0.50 23.77 -17.01
CA ILE B 38 1.02 22.42 -16.83
C ILE B 38 2.42 22.21 -17.38
N LEU B 39 2.67 22.69 -18.59
CA LEU B 39 4.00 22.54 -19.23
C LEU B 39 5.07 23.37 -18.52
N TYR B 40 4.72 24.56 -18.11
CA TYR B 40 5.65 25.39 -17.35
C TYR B 40 5.99 24.74 -15.98
N THR B 41 4.97 24.30 -15.29
CA THR B 41 5.15 23.78 -13.96
C THR B 41 5.87 22.47 -14.07
N SER B 42 5.53 21.65 -15.09
CA SER B 42 6.28 20.41 -15.32
C SER B 42 7.77 20.65 -15.45
N LYS B 43 8.12 21.70 -16.20
CA LYS B 43 9.48 22.02 -16.42
C LYS B 43 10.16 22.44 -15.13
N GLN B 44 9.47 23.21 -14.29
CA GLN B 44 10.05 23.57 -12.98
C GLN B 44 10.34 22.28 -12.15
N PHE B 45 9.41 21.34 -12.13
CA PHE B 45 9.67 20.05 -11.43
C PHE B 45 10.84 19.26 -12.02
N GLU B 46 10.99 19.31 -13.34
CA GLU B 46 12.16 18.74 -13.97
C GLU B 46 13.43 19.32 -13.48
N LYS B 47 13.53 20.65 -13.36
CA LYS B 47 14.73 21.32 -12.89
C LYS B 47 15.00 21.01 -11.47
N ILE B 48 13.95 21.07 -10.66
CA ILE B 48 14.09 20.74 -9.24
C ILE B 48 14.63 19.29 -9.02
N LEU B 49 14.04 18.32 -9.67
CA LEU B 49 14.44 16.94 -9.51
C LEU B 49 15.83 16.70 -10.05
N LYS B 50 16.13 17.20 -11.25
CA LYS B 50 17.44 17.03 -11.80
C LYS B 50 18.56 17.71 -11.01
N ASN B 51 18.28 18.81 -10.31
CA ASN B 51 19.25 19.42 -9.41
C ASN B 51 19.21 18.92 -7.96
N ASN B 52 18.53 17.80 -7.72
CA ASN B 52 18.47 17.18 -6.33
C ASN B 52 17.90 18.08 -5.30
N GLU B 53 16.99 18.99 -5.68
CA GLU B 53 16.43 19.98 -4.76
C GLU B 53 15.19 19.43 -4.05
N ASP B 54 14.83 20.08 -2.95
CA ASP B 54 13.60 19.80 -2.25
C ASP B 54 12.36 19.94 -3.19
N SER B 55 11.54 18.89 -3.29
CA SER B 55 10.36 18.90 -4.14
C SER B 55 9.03 18.82 -3.32
N LYS B 56 9.05 19.09 -2.02
CA LYS B 56 7.87 18.83 -1.20
C LYS B 56 6.90 20.02 -1.27
N TYR B 57 6.18 20.14 -2.38
CA TYR B 57 5.38 21.34 -2.65
C TYR B 57 3.96 21.06 -2.32
N LEU B 58 3.66 19.89 -1.80
CA LEU B 58 2.28 19.53 -1.58
C LEU B 58 2.27 18.61 -0.44
N GLU B 59 2.57 19.09 0.74
CA GLU B 59 2.83 18.33 1.96
C GLU B 59 1.77 17.77 2.93
N ASN B 60 0.62 18.42 3.00
CA ASN B 60 -0.31 18.12 3.97
C ASN B 60 -1.44 17.46 3.25
N LYS B 61 -1.25 16.86 2.11
CA LYS B 61 -2.35 16.28 1.38
C LYS B 61 -2.31 14.77 1.51
N VAL B 62 -3.49 14.18 1.55
CA VAL B 62 -3.71 12.74 1.53
C VAL B 62 -4.63 12.36 0.35
N PHE B 63 -4.14 11.55 -0.54
CA PHE B 63 -4.87 11.03 -1.67
C PHE B 63 -5.32 9.59 -1.56
N CYS B 64 -6.34 9.24 -2.34
CA CYS B 64 -6.72 7.85 -2.50
C CYS B 64 -6.59 7.48 -3.94
N SER B 65 -5.80 6.46 -4.22
CA SER B 65 -5.65 5.89 -5.53
C SER B 65 -6.50 4.65 -5.68
N VAL B 66 -7.52 4.71 -6.53
CA VAL B 66 -8.42 3.63 -6.76
C VAL B 66 -8.23 3.01 -8.13
N PHE B 67 -7.60 1.85 -8.22
CA PHE B 67 -7.32 1.19 -9.46
C PHE B 67 -8.11 -0.10 -9.53
N LEU B 68 -9.15 -0.07 -10.36
CA LEU B 68 -10.12 -1.17 -10.46
C LEU B 68 -9.91 -2.02 -11.70
N GLU B 69 -8.72 -1.89 -12.31
CA GLU B 69 -8.22 -2.92 -13.21
C GLU B 69 -6.72 -2.98 -12.96
N PRO B 70 -6.08 -4.10 -13.35
CA PRO B 70 -4.64 -4.13 -13.16
C PRO B 70 -4.01 -3.12 -14.11
N SER B 71 -3.24 -2.24 -13.55
CA SER B 71 -2.54 -1.24 -14.30
C SER B 71 -1.42 -0.76 -13.39
N THR B 72 -0.54 -1.70 -13.02
CA THR B 72 0.48 -1.47 -12.00
C THR B 72 1.42 -0.33 -12.37
N ARG B 73 1.87 -0.26 -13.59
CA ARG B 73 2.84 0.79 -13.98
C ARG B 73 2.28 2.20 -13.88
N THR B 74 1.04 2.41 -14.29
CA THR B 74 0.44 3.75 -14.18
C THR B 74 0.14 4.12 -12.75
N ARG B 75 -0.28 3.10 -12.00
CA ARG B 75 -0.54 3.32 -10.58
C ARG B 75 0.75 3.73 -9.86
N CYS B 76 1.84 3.02 -10.11
CA CYS B 76 3.16 3.39 -9.54
C CYS B 76 3.60 4.77 -9.94
N SER B 77 3.32 5.17 -11.17
CA SER B 77 3.70 6.59 -11.54
C SER B 77 3.03 7.66 -10.81
N PHE B 78 1.73 7.51 -10.63
CA PHE B 78 1.05 8.44 -9.82
C PHE B 78 1.47 8.38 -8.40
N ASP B 79 1.66 7.18 -7.83
CA ASP B 79 2.09 7.14 -6.43
C ASP B 79 3.44 7.84 -6.24
N ALA B 80 4.38 7.60 -7.17
CA ALA B 80 5.73 8.21 -7.10
C ALA B 80 5.60 9.73 -7.09
N ALA B 81 4.73 10.28 -7.95
CA ALA B 81 4.54 11.70 -8.00
C ALA B 81 3.88 12.24 -6.74
N ILE B 82 2.91 11.53 -6.19
CA ILE B 82 2.30 12.02 -4.94
C ILE B 82 3.32 12.10 -3.82
N LEU B 83 4.06 10.98 -3.67
CA LEU B 83 5.05 10.86 -2.60
C LEU B 83 6.22 11.81 -2.80
N LYS B 84 6.66 12.00 -4.03
CA LYS B 84 7.71 13.02 -4.27
C LYS B 84 7.29 14.43 -3.90
N LEU B 85 6.00 14.73 -4.04
CA LEU B 85 5.47 16.01 -3.61
C LEU B 85 5.38 16.16 -2.06
N GLY B 86 5.60 15.07 -1.29
CA GLY B 86 5.58 15.09 0.18
C GLY B 86 4.20 14.72 0.72
N SER B 87 3.30 14.34 -0.13
CA SER B 87 2.00 13.91 0.22
C SER B 87 1.94 12.36 0.50
N LYS B 88 0.74 11.90 0.87
CA LYS B 88 0.54 10.53 1.24
C LYS B 88 -0.58 10.02 0.38
N VAL B 89 -0.60 8.72 0.24
CA VAL B 89 -1.58 8.05 -0.54
C VAL B 89 -2.00 6.71 0.11
N LEU B 90 -3.31 6.47 0.08
CA LEU B 90 -3.81 5.12 0.36
C LEU B 90 -4.40 4.52 -0.89
N ASN B 91 -4.15 3.23 -1.06
CA ASN B 91 -4.38 2.54 -2.32
C ASN B 91 -5.55 1.55 -2.17
N ILE B 92 -6.44 1.58 -3.14
CA ILE B 92 -7.47 0.57 -3.34
C ILE B 92 -7.13 -0.11 -4.69
N THR B 93 -6.98 -1.41 -4.71
CA THR B 93 -6.27 -2.03 -5.78
C THR B 93 -6.75 -3.38 -6.30
N ASP B 94 -8.03 -3.52 -6.71
CA ASP B 94 -8.56 -4.84 -7.25
C ASP B 94 -8.96 -5.03 -8.73
N MET B 95 -9.17 -6.30 -9.06
CA MET B 95 -9.21 -6.79 -10.47
C MET B 95 -10.40 -6.24 -11.30
N ASN B 96 -11.52 -5.94 -10.63
CA ASN B 96 -12.66 -5.30 -11.27
C ASN B 96 -13.42 -4.47 -10.25
N SER B 97 -14.27 -3.67 -10.81
CA SER B 97 -15.07 -2.80 -10.07
C SER B 97 -16.18 -3.54 -9.28
N THR B 98 -16.66 -4.72 -9.68
CA THR B 98 -17.76 -5.36 -8.93
C THR B 98 -17.31 -5.94 -7.63
N SER B 99 -16.05 -6.32 -7.53
CA SER B 99 -15.59 -6.83 -6.27
C SER B 99 -15.53 -5.59 -5.33
N PHE B 100 -15.20 -4.41 -5.82
CA PHE B 100 -15.08 -3.25 -4.93
C PHE B 100 -16.43 -2.61 -4.57
N TYR B 101 -17.31 -2.41 -5.54
CA TYR B 101 -18.65 -1.80 -5.27
C TYR B 101 -19.60 -2.76 -4.55
N LYS B 102 -19.61 -4.01 -5.01
CA LYS B 102 -20.49 -5.08 -4.47
C LYS B 102 -21.87 -4.49 -4.52
N GLY B 103 -22.59 -4.41 -3.41
CA GLY B 103 -23.92 -3.79 -3.51
C GLY B 103 -23.98 -2.24 -3.56
N GLU B 104 -22.88 -1.56 -3.26
CA GLU B 104 -22.93 -0.13 -3.05
C GLU B 104 -22.89 0.56 -4.36
N THR B 105 -23.63 1.66 -4.47
CA THR B 105 -23.58 2.47 -5.69
C THR B 105 -22.34 3.25 -5.76
N VAL B 106 -21.93 3.52 -6.98
CA VAL B 106 -20.70 4.27 -7.20
C VAL B 106 -20.88 5.67 -6.55
N GLU B 107 -22.09 6.21 -6.59
CA GLU B 107 -22.38 7.52 -6.04
C GLU B 107 -22.13 7.57 -4.54
N ASP B 108 -22.59 6.55 -3.82
CA ASP B 108 -22.44 6.51 -2.35
C ASP B 108 -20.95 6.37 -2.00
N ALA B 109 -20.28 5.45 -2.68
CA ALA B 109 -18.86 5.13 -2.49
C ALA B 109 -17.98 6.36 -2.62
N PHE B 110 -18.24 7.19 -3.65
CA PHE B 110 -17.41 8.39 -3.87
C PHE B 110 -17.77 9.55 -2.97
N LYS B 111 -19.04 9.68 -2.69
CA LYS B 111 -19.48 10.62 -1.67
C LYS B 111 -18.76 10.44 -0.34
N ILE B 112 -18.67 9.22 0.13
CA ILE B 112 -18.03 8.95 1.40
C ILE B 112 -16.51 9.05 1.26
N LEU B 113 -15.92 8.44 0.20
CA LEU B 113 -14.45 8.42 0.10
C LEU B 113 -13.91 9.87 0.02
N SER B 114 -14.65 10.76 -0.69
CA SER B 114 -14.23 12.13 -0.81
C SER B 114 -14.37 12.93 0.47
N THR B 115 -14.99 12.35 1.52
CA THR B 115 -14.91 13.02 2.84
C THR B 115 -13.72 12.62 3.60
N TYR B 116 -13.02 11.59 3.15
CA TYR B 116 -11.83 11.08 3.86
C TYR B 116 -10.51 11.58 3.34
N VAL B 117 -10.48 12.09 2.09
CA VAL B 117 -9.23 12.36 1.39
C VAL B 117 -9.39 13.70 0.60
N ASP B 118 -8.27 14.23 0.11
CA ASP B 118 -8.23 15.54 -0.55
C ASP B 118 -8.36 15.41 -2.07
N GLY B 119 -8.06 14.25 -2.57
CA GLY B 119 -8.29 13.95 -3.96
C GLY B 119 -8.19 12.47 -4.24
N ILE B 120 -8.66 12.11 -5.40
CA ILE B 120 -8.72 10.76 -5.83
C ILE B 120 -8.16 10.52 -7.24
N ILE B 121 -7.26 9.56 -7.36
CA ILE B 121 -6.77 9.08 -8.62
C ILE B 121 -7.56 7.82 -8.97
N TYR B 122 -8.22 7.81 -10.14
CA TYR B 122 -9.20 6.75 -10.45
C TYR B 122 -8.92 6.12 -11.76
N ARG B 123 -8.81 4.80 -11.78
CA ARG B 123 -8.72 4.07 -13.00
C ARG B 123 -9.79 2.98 -13.01
N ASP B 124 -10.66 3.04 -13.96
CA ASP B 124 -11.75 2.12 -14.05
C ASP B 124 -12.04 1.94 -15.53
N PRO B 125 -12.04 0.72 -16.05
CA PRO B 125 -12.43 0.64 -17.47
C PRO B 125 -13.85 1.18 -17.81
N SER B 126 -14.77 1.30 -16.83
CA SER B 126 -16.09 1.79 -17.09
C SER B 126 -16.23 3.30 -17.07
N LYS B 127 -16.62 3.82 -18.20
CA LYS B 127 -16.97 5.20 -18.42
C LYS B 127 -18.15 5.68 -17.52
N LYS B 128 -19.18 4.84 -17.40
CA LYS B 128 -20.34 5.11 -16.60
C LYS B 128 -19.83 5.40 -15.15
N ASN B 129 -18.91 4.54 -14.67
CA ASN B 129 -18.42 4.62 -13.28
C ASN B 129 -17.67 5.95 -13.08
N VAL B 130 -16.90 6.34 -14.06
CA VAL B 130 -15.98 7.51 -13.89
C VAL B 130 -16.85 8.75 -13.88
N ASP B 131 -17.84 8.77 -14.76
CA ASP B 131 -18.74 9.88 -14.79
C ASP B 131 -19.59 9.96 -13.52
N ILE B 132 -20.07 8.83 -12.96
CA ILE B 132 -20.79 8.94 -11.73
C ILE B 132 -19.82 9.43 -10.63
N ALA B 133 -18.62 8.90 -10.56
CA ALA B 133 -17.65 9.33 -9.58
C ALA B 133 -17.42 10.83 -9.51
N VAL B 134 -17.22 11.41 -10.68
CA VAL B 134 -17.03 12.87 -10.77
C VAL B 134 -18.26 13.67 -10.31
N SER B 135 -19.45 13.28 -10.70
CA SER B 135 -20.61 13.94 -10.13
C SER B 135 -20.84 13.74 -8.68
N SER B 136 -20.41 12.63 -8.09
CA SER B 136 -20.69 12.38 -6.67
C SER B 136 -19.63 12.84 -5.70
N SER B 137 -18.38 12.94 -6.21
CA SER B 137 -17.24 13.23 -5.39
C SER B 137 -17.27 14.65 -5.01
N SER B 138 -16.99 14.99 -3.76
CA SER B 138 -16.77 16.37 -3.38
C SER B 138 -15.33 16.81 -3.57
N LYS B 139 -14.47 16.01 -4.14
CA LYS B 139 -13.05 16.36 -4.31
C LYS B 139 -12.67 16.04 -5.73
N PRO B 140 -11.67 16.73 -6.23
CA PRO B 140 -11.20 16.46 -7.55
C PRO B 140 -10.71 15.01 -7.82
N ILE B 141 -11.03 14.51 -9.01
CA ILE B 141 -10.62 13.26 -9.52
C ILE B 141 -9.72 13.51 -10.75
N ILE B 142 -8.61 12.77 -10.79
CA ILE B 142 -7.86 12.56 -11.95
C ILE B 142 -8.12 11.17 -12.52
N ASN B 143 -8.51 11.14 -13.80
CA ASN B 143 -8.71 9.91 -14.54
C ASN B 143 -7.36 9.39 -14.96
N ALA B 144 -6.97 8.21 -14.46
CA ALA B 144 -5.68 7.59 -14.77
C ALA B 144 -5.72 6.66 -15.96
N GLY B 145 -6.87 6.55 -16.60
CA GLY B 145 -7.07 5.96 -17.95
C GLY B 145 -8.33 5.14 -17.91
N ASN B 146 -9.09 5.10 -18.97
CA ASN B 146 -10.24 4.23 -18.94
C ASN B 146 -10.45 3.54 -20.25
N GLY B 147 -11.47 2.70 -20.33
CA GLY B 147 -11.84 1.93 -21.55
C GLY B 147 -11.88 2.72 -22.86
N THR B 148 -12.30 3.99 -22.78
CA THR B 148 -12.68 4.78 -23.94
C THR B 148 -11.53 5.53 -24.47
N GLY B 149 -10.35 5.28 -23.93
CA GLY B 149 -9.16 5.96 -24.34
C GLY B 149 -8.95 7.31 -23.77
N GLU B 150 -9.85 7.76 -22.91
CA GLU B 150 -9.44 8.97 -22.36
C GLU B 150 -8.38 8.56 -21.34
N HIS B 151 -7.20 9.07 -21.61
CA HIS B 151 -5.99 8.96 -20.80
C HIS B 151 -5.29 10.33 -20.85
N PRO B 152 -5.81 11.33 -20.16
CA PRO B 152 -5.30 12.69 -20.31
C PRO B 152 -3.87 12.88 -19.82
N THR B 153 -3.43 12.20 -18.74
CA THR B 153 -2.07 12.47 -18.27
C THR B 153 -1.02 11.89 -19.27
N GLN B 154 -1.37 10.82 -19.98
CA GLN B 154 -0.50 10.31 -21.00
C GLN B 154 -0.39 11.31 -22.16
N SER B 155 -1.52 11.85 -22.60
CA SER B 155 -1.45 12.89 -23.64
C SER B 155 -0.62 14.04 -23.20
N LEU B 156 -0.79 14.48 -21.95
CA LEU B 156 -0.05 15.61 -21.46
C LEU B 156 1.41 15.36 -21.44
N LEU B 157 1.86 14.19 -20.96
CA LEU B 157 3.28 13.95 -20.89
C LEU B 157 3.84 13.74 -22.33
N ASP B 158 3.09 13.10 -23.23
CA ASP B 158 3.47 13.00 -24.69
C ASP B 158 3.74 14.43 -25.25
N PHE B 159 2.85 15.34 -24.92
CA PHE B 159 2.90 16.67 -25.47
C PHE B 159 4.06 17.43 -24.86
N TYR B 160 4.24 17.27 -23.58
CA TYR B 160 5.42 17.86 -22.92
C TYR B 160 6.70 17.41 -23.58
N THR B 161 6.77 16.11 -23.85
CA THR B 161 7.96 15.55 -24.46
C THR B 161 8.14 16.17 -25.87
N ILE B 162 7.07 16.27 -26.63
CA ILE B 162 7.19 16.81 -27.99
C ILE B 162 7.67 18.25 -27.91
N HIS B 163 7.01 19.01 -27.08
CA HIS B 163 7.30 20.40 -26.87
C HIS B 163 8.72 20.67 -26.46
N ASN B 164 9.39 19.76 -25.70
CA ASN B 164 10.76 19.95 -25.34
C ASN B 164 11.64 19.98 -26.58
N TYR B 165 11.36 19.15 -27.61
CA TYR B 165 12.24 19.08 -28.77
C TYR B 165 11.82 20.05 -29.86
N PHE B 166 10.52 20.41 -29.90
CA PHE B 166 9.97 21.28 -30.92
C PHE B 166 9.03 22.28 -30.29
N PRO B 167 9.59 23.25 -29.56
CA PRO B 167 8.79 24.16 -28.79
C PRO B 167 7.89 25.07 -29.62
N PHE B 168 8.19 25.20 -30.92
CA PHE B 168 7.29 25.90 -31.81
C PHE B 168 5.85 25.31 -31.88
N ILE B 169 5.61 24.10 -31.39
CA ILE B 169 4.32 23.54 -31.43
C ILE B 169 3.32 24.44 -30.78
N LEU B 170 3.71 25.19 -29.76
CA LEU B 170 2.75 26.07 -28.99
C LEU B 170 2.49 27.35 -29.66
N ASP B 171 3.28 27.73 -30.65
CA ASP B 171 3.12 29.05 -31.26
C ASP B 171 1.92 29.30 -32.16
N ARG B 172 1.39 28.26 -32.77
CA ARG B 172 0.30 28.46 -33.71
C ARG B 172 0.78 29.44 -34.84
N ASN B 173 2.01 29.21 -35.25
CA ASN B 173 2.63 29.95 -36.35
C ASN B 173 2.42 29.16 -37.63
N ILE B 174 1.76 29.79 -38.63
CA ILE B 174 1.50 29.12 -39.90
C ILE B 174 2.82 28.64 -40.57
N ASN B 175 3.95 29.30 -40.32
CA ASN B 175 5.21 28.92 -40.99
C ASN B 175 6.03 27.92 -40.19
N LYS B 176 5.54 27.40 -39.06
CA LYS B 176 6.23 26.33 -38.29
C LYS B 176 5.27 25.22 -37.93
N LYS B 177 5.24 24.25 -38.86
CA LYS B 177 4.35 23.14 -38.75
C LYS B 177 5.09 21.95 -38.17
N LEU B 178 4.44 21.22 -37.22
CA LEU B 178 5.00 19.95 -36.77
C LEU B 178 4.33 18.79 -37.52
N ASN B 179 5.17 17.86 -37.99
CA ASN B 179 4.71 16.66 -38.71
C ASN B 179 4.93 15.44 -37.84
N ILE B 180 3.90 14.64 -37.61
CA ILE B 180 4.00 13.47 -36.76
C ILE B 180 3.52 12.27 -37.47
N ALA B 181 4.29 11.16 -37.35
CA ALA B 181 3.74 9.90 -37.78
C ALA B 181 3.25 9.07 -36.57
N PHE B 182 2.04 8.49 -36.67
CA PHE B 182 1.55 7.51 -35.69
C PHE B 182 1.58 6.18 -36.38
N VAL B 183 2.22 5.18 -35.73
CA VAL B 183 2.49 3.91 -36.35
C VAL B 183 1.98 2.73 -35.49
N GLY B 184 1.18 1.85 -36.10
CA GLY B 184 0.85 0.56 -35.51
C GLY B 184 -0.64 0.36 -35.49
N ASP B 185 -1.17 0.29 -34.26
CA ASP B 185 -2.56 -0.05 -34.04
C ASP B 185 -3.30 1.22 -33.80
N LEU B 186 -3.77 1.81 -34.89
CA LEU B 186 -4.38 3.11 -34.77
C LEU B 186 -5.85 2.93 -34.32
N LYS B 187 -6.42 1.75 -34.62
CA LYS B 187 -7.82 1.46 -34.37
C LYS B 187 -8.05 1.42 -32.88
N ASN B 188 -7.23 0.66 -32.16
CA ASN B 188 -7.46 0.40 -30.76
C ASN B 188 -6.48 1.19 -29.93
N GLY B 189 -5.58 1.94 -30.55
CA GLY B 189 -4.60 2.67 -29.77
C GLY B 189 -5.15 3.98 -29.25
N ARG B 190 -5.70 3.93 -28.03
N ARG B 190 -5.70 3.97 -28.06
CA ARG B 190 -6.32 5.04 -27.33
CA ARG B 190 -6.36 5.17 -27.65
C ARG B 190 -5.43 6.24 -27.28
C ARG B 190 -5.41 6.28 -27.31
N THR B 191 -4.20 5.93 -26.87
CA THR B 191 -3.14 6.92 -26.67
C THR B 191 -3.04 7.82 -27.92
N VAL B 192 -3.21 7.21 -29.06
CA VAL B 192 -3.17 7.93 -30.32
C VAL B 192 -4.35 8.90 -30.51
N HIS B 193 -5.52 8.41 -30.16
CA HIS B 193 -6.75 9.16 -30.33
C HIS B 193 -6.71 10.43 -29.50
N SER B 194 -6.31 10.26 -28.28
CA SER B 194 -6.22 11.35 -27.34
C SER B 194 -5.13 12.36 -27.71
N LEU B 195 -3.92 11.89 -27.98
CA LEU B 195 -2.84 12.81 -28.31
C LEU B 195 -3.16 13.57 -29.69
N SER B 196 -3.75 12.87 -30.65
CA SER B 196 -4.18 13.43 -31.93
C SER B 196 -5.10 14.59 -31.74
N LYS B 197 -6.03 14.41 -30.84
CA LYS B 197 -7.03 15.44 -30.50
C LYS B 197 -6.35 16.60 -29.90
N LEU B 198 -5.41 16.36 -28.98
CA LEU B 198 -4.63 17.49 -28.44
C LEU B 198 -3.74 18.24 -29.50
N LEU B 199 -2.97 17.47 -30.29
CA LEU B 199 -2.12 18.05 -31.31
C LEU B 199 -2.88 18.86 -32.39
N SER B 200 -4.09 18.45 -32.68
CA SER B 200 -4.89 19.06 -33.73
C SER B 200 -5.43 20.42 -33.34
N ARG B 201 -5.16 20.82 -32.10
CA ARG B 201 -5.37 22.22 -31.66
C ARG B 201 -4.24 23.17 -32.15
N TYR B 202 -3.19 22.60 -32.70
CA TYR B 202 -2.02 23.31 -33.09
C TYR B 202 -1.77 23.10 -34.60
N ASN B 203 -0.69 23.68 -35.06
CA ASN B 203 -0.30 23.58 -36.46
C ASN B 203 0.47 22.30 -36.70
N VAL B 204 -0.27 21.27 -37.05
CA VAL B 204 0.25 19.90 -37.07
C VAL B 204 -0.28 19.16 -38.26
N SER B 205 0.58 18.43 -38.90
CA SER B 205 0.16 17.47 -39.84
C SER B 205 0.46 16.02 -39.42
N PHE B 206 -0.33 15.08 -39.96
CA PHE B 206 -0.42 13.71 -39.44
C PHE B 206 -0.18 12.71 -40.54
N ASN B 207 0.73 11.80 -40.28
CA ASN B 207 0.82 10.62 -41.08
C ASN B 207 0.35 9.36 -40.25
N PHE B 208 -0.70 8.72 -40.63
CA PHE B 208 -1.21 7.50 -40.03
C PHE B 208 -0.69 6.24 -40.81
N VAL B 209 0.11 5.40 -40.13
CA VAL B 209 0.79 4.26 -40.73
C VAL B 209 0.27 3.03 -40.07
N SER B 210 -0.37 2.19 -40.85
CA SER B 210 -1.07 1.03 -40.30
C SER B 210 -1.50 0.09 -41.41
N CYS B 211 -1.75 -1.14 -40.98
CA CYS B 211 -2.39 -2.18 -41.74
C CYS B 211 -3.84 -1.83 -41.90
N LYS B 212 -4.46 -2.36 -42.95
CA LYS B 212 -5.86 -2.10 -43.29
C LYS B 212 -6.80 -2.19 -42.13
N SER B 213 -6.75 -3.30 -41.39
CA SER B 213 -7.70 -3.56 -40.34
C SER B 213 -7.45 -2.75 -39.06
N LEU B 214 -6.27 -2.16 -38.91
CA LEU B 214 -5.99 -1.29 -37.73
C LEU B 214 -5.87 0.21 -38.05
N ASN B 215 -6.58 0.65 -39.09
CA ASN B 215 -6.70 2.07 -39.50
C ASN B 215 -7.24 2.95 -38.39
N ILE B 216 -6.79 4.20 -38.38
CA ILE B 216 -7.35 5.21 -37.52
C ILE B 216 -8.87 5.32 -37.75
N PRO B 217 -9.70 5.40 -36.69
CA PRO B 217 -11.14 5.57 -36.96
C PRO B 217 -11.49 6.91 -37.61
N LYS B 218 -12.49 6.91 -38.50
CA LYS B 218 -12.91 8.10 -39.24
C LYS B 218 -13.32 9.18 -38.27
N ASP B 219 -13.87 8.85 -37.13
CA ASP B 219 -14.30 9.93 -36.25
C ASP B 219 -13.16 10.66 -35.54
N ILE B 220 -11.99 10.02 -35.42
CA ILE B 220 -10.83 10.69 -34.99
C ILE B 220 -10.34 11.65 -36.10
N VAL B 221 -10.37 11.18 -37.33
CA VAL B 221 -10.03 11.99 -38.52
C VAL B 221 -10.98 13.23 -38.59
N ASN B 222 -12.26 13.01 -38.29
CA ASN B 222 -13.28 14.11 -38.25
C ASN B 222 -12.92 15.12 -37.19
N THR B 223 -12.49 14.68 -36.03
CA THR B 223 -12.20 15.58 -34.98
C THR B 223 -10.94 16.32 -35.30
N ILE B 224 -9.95 15.63 -35.77
CA ILE B 224 -8.70 16.30 -36.18
C ILE B 224 -8.95 17.37 -37.26
N THR B 225 -9.70 17.02 -38.29
CA THR B 225 -10.10 17.94 -39.33
C THR B 225 -10.79 19.19 -38.79
N TYR B 226 -11.79 18.94 -37.96
CA TYR B 226 -12.50 20.00 -37.36
C TYR B 226 -11.59 20.92 -36.56
N ASN B 227 -10.71 20.32 -35.76
CA ASN B 227 -9.86 21.15 -34.92
C ASN B 227 -8.85 22.00 -35.83
N LEU B 228 -8.26 21.36 -36.82
CA LEU B 228 -7.27 22.04 -37.69
C LEU B 228 -8.02 23.24 -38.44
N LYS B 229 -9.15 22.98 -39.04
CA LYS B 229 -10.01 24.07 -39.62
C LYS B 229 -10.32 25.22 -38.70
N LYS B 230 -10.64 24.92 -37.47
CA LYS B 230 -10.96 25.92 -36.53
C LYS B 230 -9.80 26.85 -36.27
N ASN B 231 -8.58 26.35 -36.29
CA ASN B 231 -7.38 27.23 -36.14
C ASN B 231 -6.69 27.63 -37.45
N ASN B 232 -7.37 27.44 -38.58
CA ASN B 232 -6.89 27.70 -39.88
C ASN B 232 -5.58 27.10 -40.24
N PHE B 233 -5.40 25.82 -39.91
CA PHE B 233 -4.26 25.01 -40.24
C PHE B 233 -4.63 23.83 -41.11
N TYR B 234 -5.85 23.75 -41.61
CA TYR B 234 -6.23 22.54 -42.37
C TYR B 234 -5.84 22.70 -43.85
N SER B 235 -5.19 21.71 -44.46
CA SER B 235 -4.99 21.69 -45.92
C SER B 235 -5.18 20.29 -46.36
N ASP B 236 -5.10 20.08 -47.65
CA ASP B 236 -5.25 18.75 -48.23
C ASP B 236 -4.05 17.89 -47.92
N ASP B 237 -2.92 18.45 -47.51
CA ASP B 237 -1.82 17.72 -46.96
C ASP B 237 -1.91 17.44 -45.42
N SER B 238 -2.92 17.91 -44.69
CA SER B 238 -2.94 17.77 -43.26
C SER B 238 -2.91 16.29 -42.72
N ILE B 239 -3.51 15.34 -43.44
CA ILE B 239 -3.71 13.99 -43.02
C ILE B 239 -3.31 13.06 -44.17
N LYS B 240 -2.29 12.21 -44.00
CA LYS B 240 -1.85 11.31 -45.02
C LYS B 240 -1.88 9.91 -44.44
N TYR B 241 -2.10 8.92 -45.31
CA TYR B 241 -2.31 7.56 -44.89
C TYR B 241 -1.33 6.68 -45.57
N PHE B 242 -0.70 5.79 -44.79
CA PHE B 242 0.31 4.91 -45.36
C PHE B 242 0.22 3.46 -44.95
N ASP B 243 0.83 2.69 -45.81
CA ASP B 243 0.91 1.27 -45.84
C ASP B 243 2.22 0.83 -45.21
N ASN B 244 3.22 1.69 -45.30
CA ASN B 244 4.55 1.31 -44.98
C ASN B 244 5.35 2.42 -44.37
N LEU B 245 6.37 2.02 -43.66
CA LEU B 245 7.30 2.91 -42.99
C LEU B 245 8.10 3.78 -43.91
N GLU B 246 8.57 3.26 -44.99
CA GLU B 246 9.51 4.00 -45.81
C GLU B 246 8.83 5.29 -46.30
N GLU B 247 7.60 5.21 -46.77
CA GLU B 247 6.85 6.42 -47.08
C GLU B 247 6.39 7.16 -45.82
N GLY B 248 5.87 6.42 -44.83
CA GLY B 248 5.28 7.01 -43.63
C GLY B 248 6.20 7.81 -42.77
N LEU B 249 7.45 7.41 -42.71
CA LEU B 249 8.41 8.03 -41.80
C LEU B 249 9.10 9.19 -42.41
N GLU B 250 8.64 9.54 -43.58
CA GLU B 250 9.35 10.55 -44.33
C GLU B 250 8.94 12.01 -43.95
N ASP B 251 9.94 12.87 -43.73
CA ASP B 251 9.68 14.23 -43.34
C ASP B 251 8.79 14.45 -42.06
N VAL B 252 8.99 13.67 -41.02
CA VAL B 252 8.22 13.84 -39.77
C VAL B 252 9.18 14.13 -38.64
N HIS B 253 8.83 15.10 -37.82
CA HIS B 253 9.57 15.51 -36.66
C HIS B 253 9.40 14.50 -35.49
N ILE B 254 8.23 13.86 -35.40
CA ILE B 254 7.94 12.87 -34.36
C ILE B 254 7.52 11.52 -34.99
N ILE B 255 8.12 10.41 -34.54
CA ILE B 255 7.55 9.09 -34.78
C ILE B 255 6.92 8.60 -33.45
N TYR B 256 5.61 8.30 -33.46
CA TYR B 256 4.96 7.74 -32.27
C TYR B 256 4.51 6.36 -32.55
N MET B 257 5.20 5.43 -31.92
CA MET B 257 4.91 4.00 -32.08
C MET B 257 3.88 3.62 -31.04
N THR B 258 2.85 2.85 -31.45
CA THR B 258 1.86 2.37 -30.51
C THR B 258 2.29 1.02 -29.95
N ARG B 259 1.64 0.67 -28.85
CA ARG B 259 1.66 -0.68 -28.35
C ARG B 259 0.81 -1.53 -29.22
N ILE B 260 1.16 -2.78 -29.31
CA ILE B 260 0.33 -3.70 -30.02
C ILE B 260 0.00 -4.73 -28.96
N GLN B 261 -1.07 -4.50 -28.21
CA GLN B 261 -1.32 -5.12 -26.87
C GLN B 261 -2.01 -6.45 -26.85
N TYR B 271 -3.47 -11.35 -34.26
CA TYR B 271 -2.50 -10.60 -33.50
C TYR B 271 -1.13 -10.87 -34.10
N ASN B 272 -0.80 -12.14 -34.16
CA ASN B 272 0.52 -12.57 -34.58
C ASN B 272 1.07 -11.89 -35.86
N GLN B 273 0.20 -11.83 -36.86
CA GLN B 273 0.56 -11.29 -38.16
C GLN B 273 0.52 -9.80 -38.11
N TYR B 274 -0.39 -9.27 -37.28
CA TYR B 274 -0.65 -7.83 -37.14
C TYR B 274 0.26 -7.21 -36.07
N LYS B 275 1.30 -7.90 -35.59
CA LYS B 275 2.17 -7.38 -34.53
C LYS B 275 3.65 -7.32 -34.99
N ASN B 276 3.89 -7.65 -36.25
CA ASN B 276 5.20 -7.68 -36.82
C ASN B 276 5.37 -6.84 -38.03
N ALA B 277 4.34 -6.11 -38.38
CA ALA B 277 4.29 -5.44 -39.65
C ALA B 277 5.15 -4.16 -39.66
N PHE B 278 5.30 -3.51 -38.51
CA PHE B 278 6.01 -2.24 -38.39
C PHE B 278 6.92 -2.29 -37.16
N ILE B 279 8.11 -2.79 -37.36
CA ILE B 279 9.12 -2.79 -36.40
C ILE B 279 10.17 -1.74 -36.74
N LEU B 280 10.45 -0.89 -35.80
CA LEU B 280 11.38 0.19 -35.99
C LEU B 280 12.79 -0.24 -35.75
N SER B 281 13.66 -0.10 -36.75
CA SER B 281 15.07 -0.46 -36.63
C SER B 281 15.91 0.74 -37.02
N ASN B 282 17.22 0.62 -36.82
CA ASN B 282 18.19 1.65 -37.38
C ASN B 282 18.16 1.78 -38.92
N LYS B 283 17.92 0.66 -39.61
CA LYS B 283 17.72 0.68 -41.08
C LYS B 283 16.53 1.57 -41.40
N THR B 284 15.39 1.33 -40.76
CA THR B 284 14.19 2.03 -41.12
C THR B 284 14.24 3.51 -40.75
N LEU B 285 15.15 3.92 -39.89
CA LEU B 285 15.33 5.28 -39.51
C LEU B 285 16.30 6.01 -40.37
N GLU B 286 16.94 5.32 -41.30
CA GLU B 286 18.03 5.92 -42.06
C GLU B 286 17.59 7.14 -42.86
N ASN B 287 16.41 7.11 -43.44
CA ASN B 287 15.96 8.26 -44.20
C ASN B 287 15.05 9.24 -43.52
N THR B 288 15.08 9.32 -42.20
CA THR B 288 14.22 10.23 -41.54
C THR B 288 15.03 11.48 -41.37
N ARG B 289 14.41 12.53 -40.89
CA ARG B 289 15.06 13.74 -40.62
C ARG B 289 16.07 13.55 -39.54
N ASP B 290 17.07 14.41 -39.53
CA ASP B 290 18.07 14.30 -38.53
C ASP B 290 17.49 14.65 -37.18
N ASP B 291 16.47 15.53 -37.13
CA ASP B 291 15.95 16.00 -35.85
C ASP B 291 14.79 15.15 -35.34
N THR B 292 14.41 14.07 -36.03
CA THR B 292 13.28 13.35 -35.63
C THR B 292 13.50 12.63 -34.26
N LYS B 293 12.42 12.62 -33.45
CA LYS B 293 12.38 12.02 -32.11
C LYS B 293 11.33 10.92 -32.07
N ILE B 294 11.71 9.79 -31.42
CA ILE B 294 10.86 8.62 -31.40
C ILE B 294 10.22 8.44 -30.02
N LEU B 295 8.88 8.42 -29.98
CA LEU B 295 8.11 8.23 -28.78
C LEU B 295 7.40 6.92 -28.87
N HIS B 296 7.09 6.38 -27.70
CA HIS B 296 6.33 5.11 -27.56
C HIS B 296 5.78 5.16 -26.10
N PRO B 297 4.46 5.00 -25.91
CA PRO B 297 3.90 5.20 -24.54
C PRO B 297 4.38 4.11 -23.52
N LEU B 298 4.75 2.93 -23.97
CA LEU B 298 5.50 1.92 -23.18
C LEU B 298 4.52 1.16 -22.28
N PRO B 299 4.80 -0.09 -21.95
CA PRO B 299 5.97 -0.86 -22.35
C PRO B 299 5.96 -1.24 -23.79
N ARG B 300 7.15 -1.54 -24.32
CA ARG B 300 7.27 -2.14 -25.67
C ARG B 300 7.51 -3.65 -25.70
N VAL B 301 7.06 -4.32 -26.73
CA VAL B 301 7.38 -5.69 -27.01
C VAL B 301 8.35 -5.75 -28.20
N ASN B 302 7.87 -6.00 -29.39
CA ASN B 302 8.69 -6.09 -30.57
C ASN B 302 8.73 -4.85 -31.46
N GLU B 303 8.02 -3.78 -31.10
CA GLU B 303 7.74 -2.68 -31.98
C GLU B 303 8.97 -1.83 -32.31
N ILE B 304 9.94 -1.78 -31.40
CA ILE B 304 11.13 -1.00 -31.56
C ILE B 304 12.26 -1.91 -31.17
N LYS B 305 13.22 -2.13 -32.07
CA LYS B 305 14.36 -2.97 -31.73
C LYS B 305 15.26 -2.30 -30.73
N VAL B 306 15.89 -3.16 -29.91
CA VAL B 306 16.72 -2.71 -28.82
C VAL B 306 17.82 -1.79 -29.33
N GLU B 307 18.36 -2.08 -30.53
CA GLU B 307 19.40 -1.25 -31.13
C GLU B 307 19.03 0.21 -31.22
N VAL B 308 17.74 0.49 -31.45
CA VAL B 308 17.23 1.85 -31.55
C VAL B 308 17.39 2.62 -30.24
N ASP B 309 17.52 1.93 -29.08
CA ASP B 309 17.70 2.63 -27.79
C ASP B 309 19.00 3.42 -27.73
N SER B 310 20.00 3.01 -28.48
CA SER B 310 21.27 3.75 -28.53
C SER B 310 21.28 4.92 -29.50
N ASN B 311 20.31 4.92 -30.42
CA ASN B 311 20.23 5.92 -31.49
C ASN B 311 19.78 7.18 -30.79
N PRO B 312 20.47 8.29 -31.00
CA PRO B 312 20.02 9.56 -30.39
C PRO B 312 18.59 10.02 -30.75
N LYS B 313 18.00 9.43 -31.78
CA LYS B 313 16.60 9.86 -32.15
C LYS B 313 15.56 9.29 -31.15
N SER B 314 15.94 8.27 -30.35
CA SER B 314 15.00 7.63 -29.47
C SER B 314 14.82 8.40 -28.17
N VAL B 315 13.64 8.75 -27.81
CA VAL B 315 13.44 9.46 -26.52
C VAL B 315 12.36 8.82 -25.61
N TYR B 316 11.89 7.63 -25.93
CA TYR B 316 10.78 6.98 -25.22
C TYR B 316 11.05 6.70 -23.70
N PHE B 317 12.29 6.51 -23.31
CA PHE B 317 12.62 6.49 -21.90
C PHE B 317 12.61 7.86 -21.25
N THR B 318 13.10 8.90 -21.93
CA THR B 318 12.93 10.27 -21.40
C THR B 318 11.43 10.63 -21.28
N GLN B 319 10.64 10.20 -22.25
CA GLN B 319 9.24 10.41 -22.25
C GLN B 319 8.63 9.82 -20.93
N ALA B 320 8.92 8.54 -20.63
CA ALA B 320 8.45 7.92 -19.34
C ALA B 320 8.92 8.71 -18.12
N GLU B 321 10.17 9.06 -18.09
CA GLU B 321 10.65 9.88 -16.99
C GLU B 321 9.87 11.22 -16.87
N ASN B 322 9.58 11.86 -18.02
CA ASN B 322 8.85 13.13 -18.00
C ASN B 322 7.52 13.01 -17.37
N GLY B 323 6.91 11.86 -17.46
CA GLY B 323 5.67 11.56 -16.83
C GLY B 323 5.67 11.82 -15.31
N LEU B 324 6.79 11.64 -14.65
CA LEU B 324 6.90 11.99 -13.23
C LEU B 324 6.65 13.48 -13.07
N TYR B 325 7.35 14.27 -13.90
CA TYR B 325 7.30 15.70 -13.76
C TYR B 325 5.92 16.23 -14.04
N VAL B 326 5.26 15.67 -15.04
CA VAL B 326 3.99 16.10 -15.50
C VAL B 326 2.86 15.76 -14.55
N ARG B 327 2.96 14.57 -13.96
CA ARG B 327 2.02 14.21 -12.93
C ARG B 327 2.17 15.05 -11.64
N MET B 328 3.40 15.32 -11.24
CA MET B 328 3.68 16.26 -10.16
C MET B 328 3.09 17.58 -10.40
N ALA B 329 3.28 18.08 -11.64
CA ALA B 329 2.78 19.38 -12.01
C ALA B 329 1.26 19.44 -11.91
N LEU B 330 0.65 18.43 -12.45
CA LEU B 330 -0.80 18.44 -12.47
C LEU B 330 -1.34 18.34 -11.06
N LEU B 331 -0.76 17.47 -10.24
CA LEU B 331 -1.21 17.35 -8.88
C LEU B 331 -1.09 18.68 -8.10
N TYR B 332 0.04 19.28 -8.26
CA TYR B 332 0.35 20.54 -7.64
C TYR B 332 -0.58 21.59 -8.00
N LEU B 333 -0.89 21.69 -9.28
CA LEU B 333 -1.76 22.76 -9.78
C LEU B 333 -3.18 22.60 -9.40
N ILE B 334 -3.62 21.36 -9.26
CA ILE B 334 -4.96 21.12 -8.84
C ILE B 334 -5.16 21.25 -7.32
N PHE B 335 -4.24 20.71 -6.57
CA PHE B 335 -4.53 20.51 -5.12
C PHE B 335 -3.83 21.43 -4.18
N SER B 336 -2.99 22.37 -4.63
CA SER B 336 -2.36 23.30 -3.71
C SER B 336 -3.19 24.41 -3.12
N ASP C 11 -10.45 17.15 32.32
CA ASP C 11 -9.00 17.15 32.55
C ASP C 11 -8.37 16.26 31.53
N LEU C 12 -8.16 16.83 30.34
CA LEU C 12 -7.73 16.06 29.22
C LEU C 12 -6.36 15.45 29.52
N ASP C 13 -5.51 16.17 30.26
CA ASP C 13 -4.17 15.65 30.54
C ASP C 13 -4.19 14.39 31.42
N LYS C 14 -5.01 14.39 32.47
CA LYS C 14 -5.12 13.16 33.31
C LYS C 14 -5.69 12.03 32.46
N ILE C 15 -6.71 12.33 31.68
CA ILE C 15 -7.29 11.29 30.86
C ILE C 15 -6.31 10.76 29.83
N MET C 16 -5.58 11.65 29.16
CA MET C 16 -4.62 11.18 28.17
C MET C 16 -3.48 10.22 28.74
N THR C 17 -3.01 10.51 29.97
CA THR C 17 -1.97 9.67 30.61
C THR C 17 -2.50 8.24 30.86
N LYS C 18 -3.77 8.21 31.24
CA LYS C 18 -4.50 7.00 31.49
C LYS C 18 -4.69 6.25 30.17
N MET C 19 -5.07 6.95 29.12
CA MET C 19 -5.33 6.33 27.81
C MET C 19 -4.10 5.98 26.96
N LYS C 20 -2.97 6.53 27.31
CA LYS C 20 -1.78 6.30 26.53
C LYS C 20 -1.53 4.81 26.52
N ASN C 21 -1.25 4.26 25.36
CA ASN C 21 -0.90 2.88 25.23
C ASN C 21 -1.95 1.86 25.55
N LYS C 22 -3.15 2.30 25.61
CA LYS C 22 -4.32 1.46 25.71
C LYS C 22 -4.65 0.66 24.44
N SER C 23 -4.90 -0.62 24.57
CA SER C 23 -5.54 -1.34 23.47
C SER C 23 -7.05 -1.17 23.55
N VAL C 24 -7.71 -0.96 22.41
CA VAL C 24 -9.13 -0.91 22.35
C VAL C 24 -9.69 -2.05 21.50
N ILE C 25 -10.18 -3.04 22.23
CA ILE C 25 -10.76 -4.21 21.66
C ILE C 25 -12.29 -4.26 21.72
N ASN C 26 -12.85 -3.95 22.89
CA ASN C 26 -14.36 -3.96 23.15
C ASN C 26 -14.72 -2.56 23.55
N ILE C 27 -15.97 -2.18 23.39
CA ILE C 27 -16.40 -0.86 23.82
C ILE C 27 -16.29 -0.69 25.33
N ASP C 28 -16.39 -1.75 26.09
CA ASP C 28 -16.11 -1.67 27.51
C ASP C 28 -14.70 -1.41 27.91
N ASP C 29 -13.72 -1.40 27.00
CA ASP C 29 -12.41 -0.91 27.33
C ASP C 29 -12.48 0.63 27.47
N VAL C 30 -13.56 1.33 27.04
CA VAL C 30 -13.59 2.80 27.14
C VAL C 30 -14.56 3.17 28.30
N ASP C 31 -14.08 3.84 29.32
CA ASP C 31 -14.89 4.23 30.47
C ASP C 31 -15.49 5.67 30.25
N ASP C 32 -16.17 6.21 31.22
CA ASP C 32 -16.92 7.44 31.05
C ASP C 32 -16.05 8.61 30.70
N GLU C 33 -14.92 8.70 31.39
CA GLU C 33 -13.99 9.79 31.28
C GLU C 33 -13.27 9.69 29.91
N GLU C 34 -12.91 8.45 29.50
CA GLU C 34 -12.29 8.20 28.21
C GLU C 34 -13.27 8.58 27.16
N LEU C 35 -14.53 8.19 27.31
CA LEU C 35 -15.48 8.51 26.28
C LEU C 35 -15.57 10.04 26.13
N LEU C 36 -15.57 10.78 27.20
CA LEU C 36 -15.63 12.25 27.10
C LEU C 36 -14.37 12.83 26.44
N ALA C 37 -13.19 12.29 26.78
CA ALA C 37 -11.95 12.64 26.09
C ALA C 37 -11.98 12.40 24.55
N ILE C 38 -12.53 11.25 24.17
CA ILE C 38 -12.69 10.92 22.75
C ILE C 38 -13.67 11.89 22.01
N LEU C 39 -14.78 12.20 22.67
CA LEU C 39 -15.80 13.10 22.06
C LEU C 39 -15.28 14.51 21.90
N TYR C 40 -14.61 14.97 22.95
CA TYR C 40 -13.99 16.29 22.92
C TYR C 40 -12.87 16.37 21.83
N THR C 41 -12.00 15.36 21.79
CA THR C 41 -10.90 15.34 20.87
C THR C 41 -11.40 15.21 19.43
N SER C 42 -12.43 14.41 19.22
CA SER C 42 -13.07 14.28 17.95
C SER C 42 -13.63 15.63 17.45
N LYS C 43 -14.16 16.39 18.36
CA LYS C 43 -14.75 17.68 18.05
C LYS C 43 -13.70 18.66 17.68
N GLN C 44 -12.53 18.58 18.34
CA GLN C 44 -11.38 19.39 17.91
C GLN C 44 -10.93 19.04 16.49
N PHE C 45 -10.84 17.75 16.20
CA PHE C 45 -10.39 17.35 14.86
C PHE C 45 -11.43 17.76 13.79
N GLU C 46 -12.70 17.77 14.12
CA GLU C 46 -13.72 18.20 13.20
C GLU C 46 -13.49 19.67 12.90
N LYS C 47 -13.21 20.50 13.89
CA LYS C 47 -13.02 21.92 13.66
C LYS C 47 -11.80 22.17 12.84
N ILE C 48 -10.74 21.51 13.25
CA ILE C 48 -9.47 21.52 12.51
C ILE C 48 -9.67 21.20 11.00
N LEU C 49 -10.23 20.05 10.71
CA LEU C 49 -10.42 19.65 9.30
C LEU C 49 -11.35 20.58 8.53
N LYS C 50 -12.46 20.99 9.11
CA LYS C 50 -13.39 21.84 8.49
C LYS C 50 -12.87 23.25 8.20
N ASN C 51 -11.89 23.75 8.94
CA ASN C 51 -11.24 24.99 8.64
C ASN C 51 -9.95 24.79 7.85
N ASN C 52 -9.66 23.59 7.32
CA ASN C 52 -8.43 23.36 6.60
C ASN C 52 -7.18 23.79 7.40
N GLU C 53 -7.19 23.44 8.70
CA GLU C 53 -6.01 23.65 9.51
C GLU C 53 -5.09 22.41 9.45
N ASP C 54 -3.89 22.54 9.95
CA ASP C 54 -2.89 21.55 9.96
C ASP C 54 -3.33 20.45 10.96
N SER C 55 -3.53 19.23 10.48
CA SER C 55 -3.98 18.17 11.34
C SER C 55 -2.88 17.19 11.75
N LYS C 56 -1.61 17.55 11.60
CA LYS C 56 -0.54 16.55 11.77
C LYS C 56 -0.12 16.48 13.24
N TYR C 57 -0.97 15.93 14.04
CA TYR C 57 -0.74 15.92 15.50
C TYR C 57 -0.08 14.65 15.96
N LEU C 58 0.20 13.76 15.06
CA LEU C 58 0.87 12.55 15.39
C LEU C 58 1.81 12.18 14.29
N GLU C 59 2.94 12.84 14.14
CA GLU C 59 3.86 12.65 12.98
C GLU C 59 4.90 11.56 12.93
N ASN C 60 5.34 11.13 14.09
CA ASN C 60 6.46 10.23 14.09
C ASN C 60 6.11 8.82 14.39
N LYS C 61 4.91 8.43 14.08
CA LYS C 61 4.46 7.13 14.36
C LYS C 61 4.38 6.27 13.08
N VAL C 62 4.65 4.99 13.24
CA VAL C 62 4.45 4.02 12.19
C VAL C 62 3.51 2.92 12.67
N PHE C 63 2.43 2.69 11.95
CA PHE C 63 1.51 1.65 12.24
C PHE C 63 1.50 0.50 11.27
N CYS C 64 0.96 -0.62 11.71
CA CYS C 64 0.63 -1.70 10.76
C CYS C 64 -0.83 -1.94 10.81
N SER C 65 -1.42 -2.02 9.66
CA SER C 65 -2.82 -2.31 9.56
C SER C 65 -2.92 -3.70 8.98
N VAL C 66 -3.44 -4.64 9.75
CA VAL C 66 -3.60 -6.05 9.34
C VAL C 66 -5.06 -6.40 9.19
N PHE C 67 -5.51 -6.64 7.98
CA PHE C 67 -6.91 -6.85 7.70
C PHE C 67 -6.98 -8.19 7.00
N LEU C 68 -7.57 -9.17 7.74
CA LEU C 68 -7.59 -10.56 7.34
C LEU C 68 -8.94 -11.05 6.93
N GLU C 69 -9.80 -10.14 6.50
CA GLU C 69 -10.94 -10.51 5.72
C GLU C 69 -11.17 -9.34 4.73
N PRO C 70 -11.96 -9.54 3.69
CA PRO C 70 -12.39 -8.37 2.83
C PRO C 70 -13.10 -7.31 3.63
N SER C 71 -12.48 -6.19 3.87
CA SER C 71 -13.12 -5.10 4.56
C SER C 71 -12.41 -3.82 4.07
N THR C 72 -12.49 -3.57 2.77
CA THR C 72 -11.68 -2.51 2.24
C THR C 72 -12.12 -1.06 2.74
N ARG C 73 -13.39 -0.81 2.90
CA ARG C 73 -13.90 0.48 3.45
C ARG C 73 -13.41 0.79 4.84
N THR C 74 -13.39 -0.20 5.71
CA THR C 74 -12.91 0.07 7.06
C THR C 74 -11.43 0.30 7.10
N ARG C 75 -10.73 -0.54 6.36
CA ARG C 75 -9.31 -0.38 6.22
C ARG C 75 -8.89 0.99 5.69
N CYS C 76 -9.55 1.47 4.64
CA CYS C 76 -9.33 2.83 4.14
C CYS C 76 -9.70 3.91 5.08
N SER C 77 -10.74 3.76 5.90
CA SER C 77 -11.03 4.76 6.95
C SER C 77 -9.94 4.90 7.94
N PHE C 78 -9.43 3.75 8.46
CA PHE C 78 -8.25 3.84 9.34
C PHE C 78 -7.00 4.42 8.70
N ASP C 79 -6.70 4.00 7.47
CA ASP C 79 -5.53 4.56 6.73
C ASP C 79 -5.67 6.11 6.55
N ALA C 80 -6.84 6.60 6.12
CA ALA C 80 -7.04 7.99 6.02
C ALA C 80 -6.77 8.72 7.34
N ALA C 81 -7.28 8.19 8.49
CA ALA C 81 -7.02 8.83 9.75
C ALA C 81 -5.56 8.84 10.15
N ILE C 82 -4.85 7.74 9.93
CA ILE C 82 -3.39 7.66 10.24
C ILE C 82 -2.64 8.66 9.42
N LEU C 83 -2.91 8.66 8.12
CA LEU C 83 -2.11 9.52 7.23
C LEU C 83 -2.46 10.99 7.44
N LYS C 84 -3.76 11.34 7.69
CA LYS C 84 -4.13 12.71 8.01
C LYS C 84 -3.52 13.22 9.31
N LEU C 85 -3.23 12.32 10.25
CA LEU C 85 -2.48 12.65 11.48
C LEU C 85 -1.01 12.91 11.22
N GLY C 86 -0.53 12.59 10.04
CA GLY C 86 0.89 12.79 9.62
C GLY C 86 1.73 11.50 9.83
N SER C 87 1.11 10.43 10.31
CA SER C 87 1.79 9.13 10.46
C SER C 87 1.87 8.28 9.18
N LYS C 88 2.47 7.09 9.31
CA LYS C 88 2.68 6.22 8.21
C LYS C 88 2.09 4.85 8.61
N VAL C 89 1.75 4.07 7.62
CA VAL C 89 1.15 2.80 7.80
C VAL C 89 1.64 1.83 6.74
N LEU C 90 1.99 0.64 7.21
CA LEU C 90 2.16 -0.49 6.24
C LEU C 90 1.00 -1.45 6.42
N ASN C 91 0.67 -2.09 5.33
CA ASN C 91 -0.55 -2.77 5.19
C ASN C 91 -0.32 -4.23 4.95
N ILE C 92 -1.02 -5.05 5.74
CA ILE C 92 -1.16 -6.47 5.43
C ILE C 92 -2.64 -6.69 5.12
N THR C 93 -2.95 -7.23 3.95
CA THR C 93 -4.29 -7.51 3.66
C THR C 93 -4.38 -8.89 3.05
N ASP C 94 -5.37 -9.68 3.49
CA ASP C 94 -5.59 -10.99 2.94
C ASP C 94 -7.05 -11.32 3.05
N MET C 95 -7.43 -12.30 2.21
CA MET C 95 -8.81 -12.73 2.10
C MET C 95 -9.28 -13.54 3.32
N ASN C 96 -8.34 -14.23 3.95
CA ASN C 96 -8.62 -14.85 5.26
C ASN C 96 -7.31 -14.89 6.05
N SER C 97 -7.43 -15.28 7.32
CA SER C 97 -6.35 -15.30 8.20
C SER C 97 -5.37 -16.43 7.92
N THR C 98 -5.83 -17.60 7.42
CA THR C 98 -4.95 -18.72 7.26
C THR C 98 -3.99 -18.44 6.09
N SER C 99 -4.44 -17.65 5.10
CA SER C 99 -3.65 -17.31 3.92
C SER C 99 -2.49 -16.48 4.34
N PHE C 100 -2.64 -15.72 5.42
CA PHE C 100 -1.49 -14.92 5.94
C PHE C 100 -0.61 -15.76 6.90
N TYR C 101 -1.18 -16.35 7.93
CA TYR C 101 -0.40 -17.04 8.98
C TYR C 101 0.28 -18.36 8.51
N LYS C 102 -0.41 -19.13 7.70
CA LYS C 102 0.08 -20.36 7.15
C LYS C 102 0.47 -21.23 8.35
N GLY C 103 1.68 -21.64 8.49
CA GLY C 103 1.88 -22.45 9.71
C GLY C 103 1.91 -21.64 11.03
N GLU C 104 2.17 -20.31 10.95
CA GLU C 104 2.71 -19.56 12.05
C GLU C 104 1.60 -19.28 13.00
N THR C 105 1.92 -19.29 14.30
CA THR C 105 0.97 -18.88 15.29
C THR C 105 0.74 -17.36 15.30
N VAL C 106 -0.46 -17.02 15.74
CA VAL C 106 -0.79 -15.64 15.92
C VAL C 106 0.19 -14.99 16.94
N GLU C 107 0.61 -15.78 17.91
CA GLU C 107 1.45 -15.23 18.97
C GLU C 107 2.87 -14.84 18.49
N ASP C 108 3.43 -15.64 17.61
CA ASP C 108 4.74 -15.34 17.09
C ASP C 108 4.64 -14.11 16.21
N ALA C 109 3.66 -14.12 15.30
CA ALA C 109 3.47 -13.08 14.27
C ALA C 109 3.34 -11.73 14.97
N PHE C 110 2.58 -11.65 16.08
CA PHE C 110 2.35 -10.39 16.74
C PHE C 110 3.49 -9.92 17.64
N LYS C 111 4.13 -10.88 18.28
CA LYS C 111 5.38 -10.64 19.01
C LYS C 111 6.43 -9.97 18.10
N ILE C 112 6.63 -10.46 16.91
CA ILE C 112 7.61 -9.85 16.00
C ILE C 112 7.10 -8.57 15.37
N LEU C 113 5.89 -8.58 14.86
CA LEU C 113 5.31 -7.37 14.18
C LEU C 113 5.34 -6.20 15.12
N SER C 114 5.04 -6.42 16.38
CA SER C 114 5.00 -5.37 17.31
C SER C 114 6.40 -4.87 17.64
N THR C 115 7.51 -5.59 17.30
CA THR C 115 8.82 -4.96 17.44
C THR C 115 9.14 -4.07 16.25
N TYR C 116 8.36 -4.14 15.18
CA TYR C 116 8.57 -3.33 13.96
C TYR C 116 7.84 -2.00 13.92
N VAL C 117 6.78 -1.83 14.71
CA VAL C 117 5.81 -0.73 14.53
C VAL C 117 5.38 -0.20 15.89
N ASP C 118 4.74 0.97 15.90
CA ASP C 118 4.31 1.61 17.17
C ASP C 118 2.89 1.19 17.56
N GLY C 119 2.11 0.66 16.63
CA GLY C 119 0.81 0.22 16.97
C GLY C 119 0.26 -0.52 15.79
N ILE C 120 -0.81 -1.26 16.03
CA ILE C 120 -1.40 -2.17 15.08
C ILE C 120 -2.94 -1.98 15.07
N ILE C 121 -3.50 -1.88 13.88
CA ILE C 121 -4.91 -2.00 13.63
C ILE C 121 -5.16 -3.37 13.08
N TYR C 122 -6.07 -4.11 13.72
CA TYR C 122 -6.32 -5.51 13.41
C TYR C 122 -7.79 -5.82 13.13
N ARG C 123 -8.07 -6.45 12.02
CA ARG C 123 -9.39 -6.89 11.72
C ARG C 123 -9.31 -8.37 11.39
N ASP C 124 -10.06 -9.19 12.12
CA ASP C 124 -10.03 -10.61 11.90
C ASP C 124 -11.33 -11.11 12.39
N PRO C 125 -12.06 -11.83 11.51
CA PRO C 125 -13.35 -12.36 12.03
C PRO C 125 -13.21 -13.37 13.24
N SER C 126 -12.03 -13.96 13.47
CA SER C 126 -11.85 -14.86 14.60
C SER C 126 -11.74 -14.08 15.90
N LYS C 127 -12.71 -14.33 16.73
CA LYS C 127 -12.69 -13.99 18.17
C LYS C 127 -11.36 -14.26 18.98
N LYS C 128 -10.88 -15.44 18.76
CA LYS C 128 -9.74 -15.90 19.40
C LYS C 128 -8.46 -15.17 18.90
N ASN C 129 -8.39 -14.88 17.61
CA ASN C 129 -7.15 -14.36 17.07
C ASN C 129 -6.83 -13.00 17.62
N VAL C 130 -7.86 -12.16 17.76
CA VAL C 130 -7.67 -10.83 18.27
C VAL C 130 -7.19 -10.87 19.69
N ASP C 131 -7.76 -11.78 20.50
CA ASP C 131 -7.33 -11.91 21.89
C ASP C 131 -5.96 -12.48 22.03
N ILE C 132 -5.59 -13.45 21.19
CA ILE C 132 -4.17 -13.85 21.16
C ILE C 132 -3.25 -12.69 20.79
N ALA C 133 -3.66 -11.90 19.80
CA ALA C 133 -2.83 -10.77 19.30
C ALA C 133 -2.52 -9.79 20.38
N VAL C 134 -3.58 -9.43 21.13
CA VAL C 134 -3.44 -8.54 22.27
C VAL C 134 -2.49 -9.05 23.36
N SER C 135 -2.56 -10.34 23.71
CA SER C 135 -1.65 -10.81 24.74
C SER C 135 -0.24 -10.94 24.21
N SER C 136 0.01 -11.17 22.91
CA SER C 136 1.37 -11.31 22.47
C SER C 136 2.01 -10.01 22.02
N SER C 137 1.23 -8.97 21.65
CA SER C 137 1.75 -7.71 21.14
C SER C 137 2.38 -6.89 22.23
N SER C 138 3.59 -6.35 21.95
CA SER C 138 4.17 -5.40 22.87
C SER C 138 3.73 -3.95 22.56
N LYS C 139 2.79 -3.77 21.65
CA LYS C 139 2.30 -2.46 21.30
C LYS C 139 0.77 -2.51 21.29
N PRO C 140 0.12 -1.35 21.57
CA PRO C 140 -1.35 -1.22 21.48
C PRO C 140 -1.98 -1.66 20.14
N ILE C 141 -3.07 -2.35 20.28
CA ILE C 141 -3.95 -2.79 19.18
C ILE C 141 -5.30 -2.10 19.26
N ILE C 142 -5.77 -1.66 18.10
CA ILE C 142 -7.12 -1.33 17.88
C ILE C 142 -7.81 -2.36 17.07
N ASN C 143 -8.87 -2.90 17.65
CA ASN C 143 -9.76 -3.88 16.97
C ASN C 143 -10.65 -3.13 15.98
N ALA C 144 -10.49 -3.40 14.69
CA ALA C 144 -11.30 -2.76 13.66
C ALA C 144 -12.52 -3.59 13.33
N GLY C 145 -12.74 -4.67 14.08
CA GLY C 145 -13.99 -5.50 14.01
C GLY C 145 -13.64 -6.97 14.04
N ASN C 146 -14.34 -7.76 14.85
CA ASN C 146 -14.05 -9.18 14.91
C ASN C 146 -15.34 -9.98 14.98
N GLY C 147 -15.21 -11.30 15.01
CA GLY C 147 -16.43 -12.18 14.73
C GLY C 147 -17.45 -12.06 15.85
N THR C 148 -16.97 -11.65 17.01
CA THR C 148 -17.70 -11.75 18.26
C THR C 148 -18.31 -10.44 18.63
N GLY C 149 -18.73 -9.70 17.62
CA GLY C 149 -19.69 -8.66 17.95
C GLY C 149 -19.03 -7.42 18.56
N GLU C 150 -17.75 -7.24 18.33
CA GLU C 150 -17.18 -6.03 18.86
C GLU C 150 -16.58 -5.26 17.71
N HIS C 151 -17.04 -4.02 17.61
CA HIS C 151 -16.55 -3.04 16.60
C HIS C 151 -16.56 -1.69 17.32
N PRO C 152 -15.53 -1.44 18.11
CA PRO C 152 -15.64 -0.32 18.99
C PRO C 152 -15.63 1.05 18.35
N THR C 153 -14.82 1.23 17.30
CA THR C 153 -14.67 2.57 16.74
C THR C 153 -15.96 2.97 16.00
N GLN C 154 -16.71 1.99 15.48
CA GLN C 154 -18.00 2.23 14.95
C GLN C 154 -18.97 2.72 16.03
N SER C 155 -18.97 2.09 17.19
CA SER C 155 -19.83 2.52 18.26
C SER C 155 -19.45 3.92 18.68
N LEU C 156 -18.17 4.21 18.72
CA LEU C 156 -17.74 5.49 19.14
C LEU C 156 -18.19 6.58 18.17
N LEU C 157 -18.10 6.33 16.90
CA LEU C 157 -18.44 7.32 15.90
C LEU C 157 -19.95 7.50 15.85
N ASP C 158 -20.70 6.42 15.96
CA ASP C 158 -22.15 6.48 16.16
C ASP C 158 -22.55 7.36 17.36
N PHE C 159 -21.85 7.19 18.49
CA PHE C 159 -22.25 7.91 19.67
C PHE C 159 -21.91 9.37 19.45
N TYR C 160 -20.71 9.61 18.93
CA TYR C 160 -20.32 10.97 18.61
C TYR C 160 -21.45 11.67 17.75
N THR C 161 -21.91 10.97 16.72
CA THR C 161 -22.88 11.50 15.82
C THR C 161 -24.21 11.80 16.60
N ILE C 162 -24.70 10.80 17.38
CA ILE C 162 -25.87 10.95 18.22
C ILE C 162 -25.77 12.16 19.17
N HIS C 163 -24.67 12.24 19.81
CA HIS C 163 -24.40 13.26 20.80
C HIS C 163 -24.37 14.67 20.17
N ASN C 164 -23.92 14.79 18.93
CA ASN C 164 -23.96 16.08 18.27
C ASN C 164 -25.39 16.62 18.14
N TYR C 165 -26.41 15.81 17.90
CA TYR C 165 -27.78 16.30 17.81
C TYR C 165 -28.47 16.31 19.12
N PHE C 166 -28.09 15.44 20.07
CA PHE C 166 -28.79 15.30 21.34
C PHE C 166 -27.77 15.23 22.47
N PRO C 167 -27.14 16.36 22.80
CA PRO C 167 -26.03 16.30 23.74
C PRO C 167 -26.43 15.91 25.16
N PHE C 168 -27.71 16.00 25.49
CA PHE C 168 -28.22 15.53 26.79
C PHE C 168 -28.01 14.03 27.08
N ILE C 169 -27.64 13.24 26.07
CA ILE C 169 -27.38 11.85 26.25
C ILE C 169 -26.27 11.68 27.30
N LEU C 170 -25.32 12.64 27.37
CA LEU C 170 -24.22 12.53 28.31
C LEU C 170 -24.59 12.90 29.72
N ASP C 171 -25.67 13.63 29.93
CA ASP C 171 -26.00 14.13 31.30
C ASP C 171 -26.43 13.12 32.36
N ARG C 172 -27.00 11.98 31.96
CA ARG C 172 -27.57 11.05 32.86
C ARG C 172 -28.62 11.74 33.73
N ASN C 173 -29.42 12.58 33.08
CA ASN C 173 -30.53 13.26 33.70
C ASN C 173 -31.75 12.38 33.63
N ILE C 174 -32.29 11.98 34.78
CA ILE C 174 -33.49 11.09 34.83
C ILE C 174 -34.70 11.71 34.05
N ASN C 175 -34.71 13.01 33.81
CA ASN C 175 -35.78 13.65 33.05
C ASN C 175 -35.51 13.85 31.58
N LYS C 176 -34.36 13.47 31.06
CA LYS C 176 -34.02 13.68 29.64
C LYS C 176 -33.51 12.35 29.04
N LYS C 177 -34.46 11.59 28.55
CA LYS C 177 -34.27 10.30 28.01
C LYS C 177 -34.17 10.36 26.48
N LEU C 178 -33.21 9.65 25.91
CA LEU C 178 -33.12 9.50 24.45
C LEU C 178 -33.75 8.15 24.03
N ASN C 179 -34.60 8.15 23.01
CA ASN C 179 -35.34 6.98 22.48
C ASN C 179 -34.73 6.67 21.09
N ILE C 180 -34.28 5.44 20.88
CA ILE C 180 -33.64 5.04 19.65
C ILE C 180 -34.34 3.84 19.13
N ALA C 181 -34.56 3.79 17.82
CA ALA C 181 -35.01 2.61 17.19
C ALA C 181 -33.83 1.99 16.37
N PHE C 182 -33.59 0.70 16.59
CA PHE C 182 -32.74 -0.10 15.78
C PHE C 182 -33.58 -0.96 14.88
N VAL C 183 -33.24 -0.92 13.57
CA VAL C 183 -34.08 -1.52 12.55
C VAL C 183 -33.29 -2.47 11.67
N GLY C 184 -33.67 -3.74 11.59
CA GLY C 184 -33.17 -4.64 10.58
C GLY C 184 -32.64 -5.95 11.17
N ASP C 185 -31.37 -6.23 10.96
CA ASP C 185 -30.76 -7.43 11.41
C ASP C 185 -30.17 -7.21 12.80
N LEU C 186 -31.01 -7.45 13.83
CA LEU C 186 -30.63 -7.24 15.21
C LEU C 186 -29.85 -8.47 15.76
N LYS C 187 -30.11 -9.59 15.15
CA LYS C 187 -29.53 -10.82 15.63
C LYS C 187 -28.03 -10.84 15.36
N ASN C 188 -27.66 -10.46 14.12
CA ASN C 188 -26.31 -10.58 13.69
C ASN C 188 -25.68 -9.27 13.63
N GLY C 189 -26.40 -8.14 13.72
CA GLY C 189 -25.73 -6.84 13.61
C GLY C 189 -24.82 -6.41 14.73
N ARG C 190 -23.58 -6.71 14.61
CA ARG C 190 -22.57 -6.26 15.49
C ARG C 190 -22.61 -4.79 15.83
N THR C 191 -22.90 -3.92 14.87
CA THR C 191 -22.93 -2.56 15.17
C THR C 191 -24.02 -2.27 16.21
N VAL C 192 -25.14 -2.94 16.12
CA VAL C 192 -26.26 -2.76 17.04
C VAL C 192 -25.88 -3.23 18.47
N HIS C 193 -25.23 -4.38 18.53
CA HIS C 193 -24.81 -4.99 19.78
C HIS C 193 -23.93 -4.08 20.57
N SER C 194 -22.88 -3.63 19.90
CA SER C 194 -21.89 -2.79 20.50
C SER C 194 -22.43 -1.39 20.84
N LEU C 195 -23.16 -0.76 19.94
CA LEU C 195 -23.73 0.58 20.27
C LEU C 195 -24.79 0.55 21.38
N SER C 196 -25.60 -0.50 21.40
CA SER C 196 -26.59 -0.75 22.49
C SER C 196 -25.95 -0.82 23.85
N LYS C 197 -24.83 -1.50 23.89
CA LYS C 197 -24.04 -1.62 25.08
C LYS C 197 -23.50 -0.31 25.55
N LEU C 198 -23.09 0.54 24.61
CA LEU C 198 -22.64 1.83 24.96
C LEU C 198 -23.79 2.75 25.37
N LEU C 199 -24.82 2.85 24.56
CA LEU C 199 -25.92 3.79 24.83
C LEU C 199 -26.61 3.44 26.18
N SER C 200 -26.64 2.15 26.55
CA SER C 200 -27.38 1.72 27.73
C SER C 200 -26.65 2.12 29.04
N ARG C 201 -25.45 2.62 28.93
CA ARG C 201 -24.80 3.30 30.00
C ARG C 201 -25.43 4.67 30.35
N TYR C 202 -26.38 5.14 29.53
CA TYR C 202 -26.94 6.51 29.67
C TYR C 202 -28.44 6.33 29.76
N ASN C 203 -29.17 7.43 29.86
CA ASN C 203 -30.64 7.35 30.02
C ASN C 203 -31.22 7.15 28.59
N VAL C 204 -31.38 5.89 28.16
CA VAL C 204 -31.78 5.62 26.82
C VAL C 204 -32.84 4.53 26.79
N SER C 205 -33.83 4.71 25.94
CA SER C 205 -34.82 3.71 25.74
C SER C 205 -34.71 3.19 24.26
N PHE C 206 -35.11 1.94 24.01
CA PHE C 206 -34.82 1.20 22.82
C PHE C 206 -36.03 0.61 22.20
N ASN C 207 -36.20 0.87 20.92
CA ASN C 207 -37.16 0.14 20.10
C ASN C 207 -36.43 -0.79 19.14
N PHE C 208 -36.66 -2.11 19.25
CA PHE C 208 -36.07 -3.07 18.39
C PHE C 208 -37.04 -3.52 17.32
N VAL C 209 -36.73 -3.20 16.03
CA VAL C 209 -37.60 -3.49 14.94
C VAL C 209 -36.96 -4.51 14.04
N SER C 210 -37.61 -5.64 13.81
CA SER C 210 -37.02 -6.72 13.07
C SER C 210 -38.01 -7.76 12.70
N CSO C 211 -37.69 -8.58 11.73
CA CSO C 211 -38.46 -9.81 11.40
CB CSO C 211 -37.85 -10.40 10.08
SG CSO C 211 -38.12 -9.35 8.66
C CSO C 211 -38.18 -10.81 12.50
O CSO C 211 -37.08 -10.73 13.10
OD CSO C 211 -39.91 -9.61 8.43
N LYS C 212 -39.06 -11.78 12.76
CA LYS C 212 -38.88 -12.71 13.91
C LYS C 212 -37.53 -13.39 14.02
N SER C 213 -37.00 -13.90 12.90
CA SER C 213 -35.75 -14.68 13.00
C SER C 213 -34.54 -13.83 13.13
N LEU C 214 -34.68 -12.51 13.00
CA LEU C 214 -33.59 -11.59 13.27
C LEU C 214 -33.77 -10.70 14.49
N ASN C 215 -34.45 -11.22 15.51
CA ASN C 215 -34.62 -10.54 16.81
C ASN C 215 -33.32 -10.30 17.54
N ILE C 216 -33.28 -9.22 18.33
CA ILE C 216 -32.14 -8.93 19.15
C ILE C 216 -31.83 -10.12 20.10
N PRO C 217 -30.53 -10.47 20.31
CA PRO C 217 -30.35 -11.68 21.17
C PRO C 217 -30.63 -11.34 22.63
N LYS C 218 -31.00 -12.33 23.37
CA LYS C 218 -31.25 -12.24 24.83
C LYS C 218 -30.12 -11.65 25.56
N ASP C 219 -28.93 -12.10 25.21
CA ASP C 219 -27.66 -11.64 25.71
C ASP C 219 -27.51 -10.14 25.73
N ILE C 220 -27.82 -9.53 24.58
CA ILE C 220 -27.76 -8.06 24.43
C ILE C 220 -28.81 -7.35 25.31
N VAL C 221 -30.03 -7.90 25.32
CA VAL C 221 -31.14 -7.39 26.18
C VAL C 221 -30.75 -7.46 27.66
N ASN C 222 -30.07 -8.53 28.08
CA ASN C 222 -29.57 -8.69 29.46
C ASN C 222 -28.56 -7.66 29.81
N THR C 223 -27.68 -7.38 28.86
CA THR C 223 -26.67 -6.38 29.05
C THR C 223 -27.22 -4.99 29.09
N ILE C 224 -28.06 -4.67 28.14
CA ILE C 224 -28.81 -3.36 28.20
C ILE C 224 -29.56 -3.14 29.52
N THR C 225 -30.20 -4.20 29.98
CA THR C 225 -30.95 -4.17 31.21
C THR C 225 -30.10 -3.86 32.44
N TYR C 226 -28.97 -4.59 32.53
CA TYR C 226 -27.97 -4.41 33.57
C TYR C 226 -27.43 -3.04 33.51
N ASN C 227 -27.12 -2.52 32.30
CA ASN C 227 -26.48 -1.21 32.24
C ASN C 227 -27.52 -0.06 32.64
N LEU C 228 -28.76 -0.19 32.20
CA LEU C 228 -29.78 0.82 32.58
C LEU C 228 -30.05 0.75 34.11
N LYS C 229 -30.22 -0.44 34.66
CA LYS C 229 -30.48 -0.57 36.11
C LYS C 229 -29.43 -0.02 36.97
N LYS C 230 -28.20 -0.14 36.54
CA LYS C 230 -27.09 0.41 37.25
C LYS C 230 -27.26 1.91 37.50
N ASN C 231 -27.83 2.65 36.53
CA ASN C 231 -28.06 4.11 36.76
C ASN C 231 -29.54 4.45 37.13
N ASN C 232 -30.34 3.45 37.51
CA ASN C 232 -31.76 3.54 37.79
C ASN C 232 -32.61 4.09 36.66
N PHE C 233 -32.29 3.67 35.46
CA PHE C 233 -33.00 4.14 34.27
C PHE C 233 -33.76 3.02 33.66
N TYR C 234 -33.80 1.85 34.29
CA TYR C 234 -34.48 0.73 33.73
C TYR C 234 -35.95 0.74 34.16
N SER C 235 -36.88 0.67 33.22
CA SER C 235 -38.32 0.40 33.56
C SER C 235 -38.84 -0.64 32.56
N ASP C 236 -40.09 -1.03 32.73
CA ASP C 236 -40.78 -1.88 31.75
C ASP C 236 -40.94 -1.22 30.36
N ASP C 237 -40.93 0.10 30.25
CA ASP C 237 -40.91 0.81 28.96
C ASP C 237 -39.51 0.95 28.37
N SER C 238 -38.45 0.52 29.00
CA SER C 238 -37.12 0.68 28.46
C SER C 238 -36.77 -0.03 27.12
N ILE C 239 -37.37 -1.17 26.91
CA ILE C 239 -37.08 -2.01 25.79
C ILE C 239 -38.40 -2.44 25.17
N LYS C 240 -38.69 -2.06 23.93
CA LYS C 240 -39.83 -2.46 23.18
C LYS C 240 -39.45 -3.14 21.90
N TYR C 241 -40.31 -4.03 21.46
CA TYR C 241 -40.09 -4.89 20.32
C TYR C 241 -41.20 -4.69 19.33
N PHE C 242 -40.87 -4.56 18.04
CA PHE C 242 -41.83 -4.29 16.97
C PHE C 242 -41.44 -5.02 15.69
N ASP C 243 -42.40 -5.33 14.87
CA ASP C 243 -42.15 -5.97 13.61
C ASP C 243 -42.58 -5.10 12.46
N ASN C 244 -42.84 -3.84 12.72
CA ASN C 244 -43.20 -2.91 11.65
C ASN C 244 -42.71 -1.53 12.03
N LEU C 245 -42.43 -0.75 11.01
CA LEU C 245 -41.93 0.64 11.14
C LEU C 245 -42.91 1.65 11.71
N GLU C 246 -44.16 1.60 11.32
CA GLU C 246 -45.05 2.64 11.82
C GLU C 246 -45.13 2.62 13.34
N GLU C 247 -45.18 1.48 13.98
CA GLU C 247 -45.10 1.49 15.46
C GLU C 247 -43.69 1.72 16.00
N GLY C 248 -42.69 1.12 15.38
CA GLY C 248 -41.35 1.25 15.86
C GLY C 248 -40.68 2.56 15.70
N LEU C 249 -41.03 3.30 14.67
CA LEU C 249 -40.51 4.67 14.43
C LEU C 249 -41.16 5.80 15.20
N GLU C 250 -42.21 5.48 15.93
CA GLU C 250 -42.94 6.52 16.68
C GLU C 250 -42.13 7.00 17.94
N ASP C 251 -42.05 8.30 18.10
CA ASP C 251 -41.42 8.95 19.23
C ASP C 251 -39.95 8.54 19.53
N VAL C 252 -39.14 8.37 18.51
CA VAL C 252 -37.73 8.14 18.68
C VAL C 252 -36.91 9.33 18.12
N HIS C 253 -35.88 9.68 18.84
CA HIS C 253 -34.93 10.70 18.46
C HIS C 253 -33.95 10.24 17.38
N ILE C 254 -33.66 8.94 17.36
CA ILE C 254 -32.69 8.35 16.47
C ILE C 254 -33.29 7.10 15.82
N ILE C 255 -33.15 6.98 14.50
CA ILE C 255 -33.45 5.75 13.74
C ILE C 255 -32.11 5.26 13.23
N TYR C 256 -31.73 4.04 13.62
CA TYR C 256 -30.50 3.42 13.20
C TYR C 256 -30.84 2.21 12.39
N MET C 257 -30.56 2.28 11.09
CA MET C 257 -30.85 1.22 10.15
C MET C 257 -29.60 0.39 10.06
N THR C 258 -29.74 -0.95 10.16
CA THR C 258 -28.57 -1.81 10.07
C THR C 258 -28.38 -2.10 8.60
N ARG C 259 -27.19 -2.57 8.27
CA ARG C 259 -27.01 -3.30 6.99
C ARG C 259 -27.69 -4.63 7.01
N ILE C 260 -28.08 -5.10 5.86
CA ILE C 260 -28.47 -6.44 5.67
C ILE C 260 -27.43 -7.09 4.81
N GLN C 261 -26.58 -7.91 5.42
CA GLN C 261 -25.37 -8.42 4.75
C GLN C 261 -25.55 -9.70 4.01
N LYS C 262 -25.35 -9.61 2.71
CA LYS C 262 -25.58 -10.72 1.83
C LYS C 262 -24.71 -11.90 2.24
N GLU C 263 -23.48 -11.63 2.68
CA GLU C 263 -22.52 -12.76 3.01
C GLU C 263 -23.01 -13.48 4.21
N ARG C 264 -23.92 -12.86 4.95
CA ARG C 264 -24.48 -13.58 6.04
C ARG C 264 -25.64 -14.46 5.69
N PHE C 265 -26.31 -14.31 4.55
CA PHE C 265 -27.47 -15.16 4.20
C PHE C 265 -27.20 -15.90 2.92
N THR C 266 -26.82 -17.14 3.14
CA THR C 266 -26.50 -18.07 2.12
C THR C 266 -27.65 -18.26 1.15
N ASP C 267 -28.81 -18.54 1.75
CA ASP C 267 -29.98 -18.82 1.02
C ASP C 267 -30.39 -17.41 0.46
N VAL C 268 -30.32 -17.30 -0.85
CA VAL C 268 -30.52 -16.02 -1.50
C VAL C 268 -32.00 -15.53 -1.40
N ASP C 269 -32.96 -16.43 -1.37
CA ASP C 269 -34.36 -16.10 -0.97
C ASP C 269 -34.47 -15.50 0.44
N GLU C 270 -33.67 -15.97 1.41
CA GLU C 270 -33.73 -15.35 2.73
C GLU C 270 -33.17 -13.97 2.66
N TYR C 271 -32.06 -13.83 1.97
CA TYR C 271 -31.44 -12.54 1.83
C TYR C 271 -32.48 -11.56 1.13
N ASN C 272 -33.13 -12.01 0.05
CA ASN C 272 -34.11 -11.19 -0.66
C ASN C 272 -35.28 -10.79 0.27
N GLN C 273 -35.79 -11.71 1.14
CA GLN C 273 -36.84 -11.43 2.12
C GLN C 273 -36.29 -10.35 3.07
N TYR C 274 -35.15 -10.56 3.67
CA TYR C 274 -34.69 -9.61 4.64
C TYR C 274 -34.25 -8.29 4.08
N LYS C 275 -33.65 -8.26 2.92
CA LYS C 275 -33.28 -6.98 2.38
C LYS C 275 -34.42 -5.97 2.09
N ASN C 276 -35.60 -6.44 1.84
CA ASN C 276 -36.75 -5.60 1.50
C ASN C 276 -37.82 -5.54 2.60
N ALA C 277 -37.55 -6.07 3.80
CA ALA C 277 -38.58 -6.11 4.81
C ALA C 277 -38.80 -4.66 5.37
N PHE C 278 -37.74 -3.87 5.54
CA PHE C 278 -37.78 -2.53 6.12
C PHE C 278 -37.07 -1.51 5.26
N ILE C 279 -37.81 -0.84 4.41
CA ILE C 279 -37.27 0.14 3.53
C ILE C 279 -37.70 1.52 3.98
N LEU C 280 -36.75 2.38 4.25
CA LEU C 280 -37.03 3.69 4.75
C LEU C 280 -37.29 4.60 3.59
N SER C 281 -38.45 5.24 3.59
CA SER C 281 -38.83 6.16 2.56
C SER C 281 -39.30 7.45 3.21
N ASN C 282 -39.51 8.49 2.41
CA ASN C 282 -40.08 9.73 2.92
C ASN C 282 -41.45 9.49 3.55
N LYS C 283 -42.23 8.57 3.01
CA LYS C 283 -43.54 8.22 3.56
C LYS C 283 -43.42 7.57 4.97
N THR C 284 -42.54 6.59 5.13
CA THR C 284 -42.43 5.96 6.42
C THR C 284 -41.85 6.92 7.43
N LEU C 285 -41.35 8.08 7.02
CA LEU C 285 -40.75 9.11 7.93
C LEU C 285 -41.73 10.23 8.35
N GLU C 286 -42.92 10.24 7.75
CA GLU C 286 -43.79 11.39 7.93
C GLU C 286 -44.25 11.59 9.39
N ASN C 287 -44.51 10.50 10.13
CA ASN C 287 -44.98 10.57 11.52
C ASN C 287 -43.94 10.32 12.57
N THR C 288 -42.69 10.73 12.31
CA THR C 288 -41.64 10.61 13.27
C THR C 288 -41.55 12.00 13.83
N ARG C 289 -40.75 12.14 14.88
CA ARG C 289 -40.51 13.44 15.45
C ARG C 289 -39.83 14.33 14.45
N ASP C 290 -40.09 15.62 14.50
CA ASP C 290 -39.35 16.60 13.75
C ASP C 290 -37.90 16.61 14.00
N ASP C 291 -37.43 16.32 15.21
CA ASP C 291 -35.97 16.31 15.42
C ASP C 291 -35.26 14.95 15.17
N THR C 292 -35.98 13.95 14.63
CA THR C 292 -35.34 12.67 14.54
C THR C 292 -34.25 12.69 13.46
N LYS C 293 -33.17 11.93 13.74
CA LYS C 293 -32.00 11.79 12.90
C LYS C 293 -31.78 10.32 12.53
N ILE C 294 -31.43 10.11 11.28
CA ILE C 294 -31.32 8.78 10.71
C ILE C 294 -29.87 8.47 10.54
N LEU C 295 -29.41 7.37 11.19
CA LEU C 295 -28.09 6.83 11.04
C LEU C 295 -28.13 5.52 10.36
N HIS C 296 -26.99 5.22 9.74
CA HIS C 296 -26.80 3.93 9.01
C HIS C 296 -25.27 3.78 8.89
N PRO C 297 -24.67 2.65 9.37
CA PRO C 297 -23.23 2.53 9.42
C PRO C 297 -22.54 2.49 8.02
N LEU C 298 -23.28 2.03 7.01
CA LEU C 298 -22.99 2.06 5.58
C LEU C 298 -22.08 0.88 5.27
N PRO C 299 -22.11 0.40 4.03
CA PRO C 299 -22.86 0.88 2.95
C PRO C 299 -24.28 0.44 2.98
N ARG C 300 -25.19 1.18 2.34
CA ARG C 300 -26.53 0.68 2.10
C ARG C 300 -26.78 0.01 0.82
N VAL C 301 -27.80 -0.84 0.79
CA VAL C 301 -28.26 -1.42 -0.45
C VAL C 301 -29.68 -0.91 -0.67
N ASN C 302 -30.73 -1.58 -0.21
CA ASN C 302 -32.07 -1.09 -0.40
C ASN C 302 -32.70 -0.53 0.89
N GLU C 303 -31.96 -0.51 1.99
CA GLU C 303 -32.52 -0.26 3.32
C GLU C 303 -33.09 1.17 3.39
N ILE C 304 -32.48 2.11 2.72
CA ILE C 304 -32.88 3.50 2.73
C ILE C 304 -32.98 4.00 1.32
N LYS C 305 -34.16 4.48 0.87
CA LYS C 305 -34.32 5.02 -0.50
C LYS C 305 -33.47 6.26 -0.66
N VAL C 306 -32.98 6.43 -1.90
CA VAL C 306 -32.21 7.58 -2.27
C VAL C 306 -32.89 8.89 -2.00
N GLU C 307 -34.19 8.95 -2.20
CA GLU C 307 -34.97 10.15 -1.87
C GLU C 307 -34.75 10.63 -0.41
N VAL C 308 -34.49 9.69 0.54
CA VAL C 308 -34.25 10.06 1.93
C VAL C 308 -32.96 10.88 2.10
N ASP C 309 -32.05 10.84 1.13
CA ASP C 309 -30.79 11.54 1.28
C ASP C 309 -31.05 13.03 1.26
N SER C 310 -32.07 13.46 0.55
CA SER C 310 -32.50 14.89 0.57
C SER C 310 -33.31 15.31 1.79
N ASN C 311 -33.81 14.36 2.58
CA ASN C 311 -34.58 14.70 3.76
C ASN C 311 -33.62 15.20 4.81
N PRO C 312 -33.84 16.41 5.40
CA PRO C 312 -32.89 16.88 6.51
C PRO C 312 -32.81 15.96 7.72
N LYS C 313 -33.73 15.01 7.88
CA LYS C 313 -33.57 13.99 8.96
C LYS C 313 -32.39 13.00 8.78
N SER C 314 -31.92 12.87 7.57
CA SER C 314 -30.86 11.87 7.32
C SER C 314 -29.48 12.44 7.62
N VAL C 315 -28.66 11.73 8.40
CA VAL C 315 -27.32 12.19 8.66
C VAL C 315 -26.28 11.06 8.46
N TYR C 316 -26.63 10.01 7.74
CA TYR C 316 -25.75 8.87 7.62
C TYR C 316 -24.41 9.15 6.84
N PHE C 317 -24.39 10.15 5.95
CA PHE C 317 -23.11 10.58 5.25
C PHE C 317 -22.30 11.42 6.17
N THR C 318 -22.96 12.23 7.00
CA THR C 318 -22.24 13.01 8.01
C THR C 318 -21.66 12.07 9.05
N GLN C 319 -22.41 11.04 9.37
CA GLN C 319 -21.97 10.02 10.33
C GLN C 319 -20.63 9.36 9.82
N ALA C 320 -20.63 8.89 8.58
CA ALA C 320 -19.40 8.31 7.99
C ALA C 320 -18.19 9.32 7.95
N GLU C 321 -18.43 10.56 7.63
CA GLU C 321 -17.43 11.57 7.74
C GLU C 321 -16.93 11.75 9.16
N ASN C 322 -17.87 11.68 10.14
CA ASN C 322 -17.51 11.79 11.60
C ASN C 322 -16.50 10.68 12.02
N GLY C 323 -16.54 9.59 11.32
CA GLY C 323 -15.61 8.50 11.52
C GLY C 323 -14.21 8.93 11.38
N LEU C 324 -13.90 9.86 10.42
CA LEU C 324 -12.51 10.29 10.28
C LEU C 324 -12.08 10.99 11.55
N TYR C 325 -12.90 11.86 12.07
CA TYR C 325 -12.59 12.66 13.26
C TYR C 325 -12.40 11.86 14.45
N VAL C 326 -13.24 10.86 14.57
CA VAL C 326 -13.27 9.96 15.79
C VAL C 326 -12.11 8.96 15.79
N ARG C 327 -11.78 8.42 14.63
CA ARG C 327 -10.57 7.61 14.51
C ARG C 327 -9.30 8.39 14.71
N MET C 328 -9.19 9.57 14.14
CA MET C 328 -8.03 10.42 14.39
C MET C 328 -7.90 10.67 15.88
N ALA C 329 -9.01 10.98 16.51
CA ALA C 329 -9.06 11.28 17.98
C ALA C 329 -8.59 10.10 18.82
N LEU C 330 -9.07 8.93 18.49
CA LEU C 330 -8.70 7.75 19.22
C LEU C 330 -7.22 7.42 19.03
N LEU C 331 -6.71 7.50 17.81
CA LEU C 331 -5.35 7.26 17.62
C LEU C 331 -4.47 8.29 18.39
N TYR C 332 -4.85 9.55 18.28
CA TYR C 332 -4.08 10.61 18.88
C TYR C 332 -4.00 10.37 20.42
N LEU C 333 -5.12 10.00 21.00
CA LEU C 333 -5.18 9.88 22.45
C LEU C 333 -4.34 8.70 22.97
N ILE C 334 -4.35 7.61 22.24
CA ILE C 334 -3.55 6.45 22.54
C ILE C 334 -2.08 6.58 22.28
N PHE C 335 -1.69 7.14 21.13
CA PHE C 335 -0.33 7.09 20.66
C PHE C 335 0.49 8.32 20.85
N SER C 336 -0.05 9.47 21.17
CA SER C 336 0.83 10.61 21.28
C SER C 336 1.72 10.54 22.48
N SER C 337 2.92 11.04 22.28
CA SER C 337 3.98 11.05 23.29
C SER C 337 3.75 12.16 24.32
N THR C 338 2.83 13.07 24.00
CA THR C 338 2.36 14.13 24.87
C THR C 338 0.85 13.89 24.94
S SO4 D . 5.99 12.35 5.91
O1 SO4 D . 6.55 13.55 6.50
O2 SO4 D . 7.13 11.57 5.27
O3 SO4 D . 5.29 11.50 6.93
O4 SO4 D . 4.98 12.74 4.91
O1 D48 E . 5.90 2.55 -18.65
C1 D48 E . 6.38 1.91 -17.54
C2 D48 E . 6.21 2.40 -16.29
C3 D48 E . 6.71 1.68 -15.17
C4 D48 E . 6.53 2.16 -13.85
C5 D48 E . 6.97 1.44 -12.79
C6 D48 E . 7.66 0.22 -12.99
C7 D48 E . 7.89 -0.23 -14.24
C8 D48 E . 7.40 0.46 -15.37
C9 D48 E . 7.59 -0.02 -16.69
C10 D48 E . 7.09 0.69 -17.76
O2 D48 E . 7.17 0.28 -19.05
S DMS F . 23.13 6.90 13.52
O DMS F . 21.79 6.60 14.08
C1 DMS F . 22.99 6.50 11.87
C2 DMS F . 23.40 8.59 13.38
C1 MLI G . 12.92 -12.03 8.40
C2 MLI G . 11.52 -12.07 7.77
C3 MLI G . 12.88 -11.09 9.59
O6 MLI G . 11.28 -11.09 7.08
O7 MLI G . 10.66 -12.99 7.93
O8 MLI G . 13.94 -10.57 10.08
O9 MLI G . 11.75 -10.88 10.07
C1 MLI H . 6.46 -13.83 4.13
C2 MLI H . 5.35 -14.71 3.66
C3 MLI H . 7.90 -14.23 4.08
O6 MLI H . 5.30 -15.83 4.18
O7 MLI H . 4.47 -14.31 2.85
O8 MLI H . 8.76 -13.51 3.50
O9 MLI H . 8.19 -15.23 4.73
C1 GOL I . 3.62 -10.25 -1.19
O1 GOL I . 5.01 -9.94 -0.93
C2 GOL I . 2.74 -9.09 -0.61
O2 GOL I . 3.40 -8.39 0.46
C3 GOL I . 1.37 -9.50 -0.06
O3 GOL I . 1.26 -8.95 1.25
NA NA J . 1.76 3.12 1.66
S SO4 K . 3.85 8.09 3.87
O1 SO4 K . 4.54 9.19 4.46
O2 SO4 K . 4.84 6.98 3.88
O3 SO4 K . 2.58 7.86 4.60
O4 SO4 K . 3.59 8.33 2.43
O1 D48 L . -19.80 2.96 2.23
C1 D48 L . -18.48 3.32 2.27
C2 D48 L . -17.74 3.47 1.15
C3 D48 L . -16.36 3.82 1.23
C4 D48 L . -15.54 3.96 0.08
C5 D48 L . -14.22 4.24 0.20
C6 D48 L . -13.64 4.44 1.46
C7 D48 L . -14.40 4.34 2.58
C8 D48 L . -15.78 4.00 2.51
C9 D48 L . -16.59 3.86 3.67
C10 D48 L . -17.91 3.51 3.56
O2 D48 L . -18.71 3.34 4.65
S DMS M . 6.53 24.48 -8.84
O DMS M . 5.76 24.78 -7.61
C1 DMS M . 7.09 25.97 -9.49
C2 DMS M . 8.02 23.94 -8.24
C1 PEG N . -26.57 1.44 -2.86
O1 PEG N . -25.60 2.36 -2.26
C2 PEG N . -28.09 1.77 -2.93
O2 PEG N . -28.72 2.75 -3.79
C3 PEG N . -28.75 4.10 -3.40
C4 PEG N . -27.73 4.83 -4.26
O4 PEG N . -27.04 5.99 -3.82
O1 D48 O . 9.60 -12.92 10.76
C1 D48 O . 8.37 -12.31 10.73
C2 D48 O . 8.22 -11.03 10.28
C3 D48 O . 6.94 -10.43 10.26
C4 D48 O . 6.74 -9.10 9.79
C5 D48 O . 5.50 -8.55 9.76
C6 D48 O . 4.38 -9.29 10.20
C7 D48 O . 4.53 -10.56 10.69
C8 D48 O . 5.81 -11.17 10.73
C9 D48 O . 6.01 -12.48 11.20
C10 D48 O . 7.26 -13.04 11.21
O2 D48 O . 7.52 -14.32 11.59
S DMS P . -5.85 18.72 20.20
O DMS P . -6.55 19.98 19.79
C1 DMS P . -5.61 17.79 18.81
C2 DMS P . -4.31 19.16 20.83
C1 PEG Q . 5.87 -16.76 22.21
O1 PEG Q . 5.48 -16.39 20.86
C2 PEG Q . 5.87 -18.28 22.36
O2 PEG Q . 4.61 -18.84 22.79
C3 PEG Q . 3.50 -18.76 21.87
C4 PEG Q . 3.01 -20.01 21.08
O4 PEG Q . 3.60 -20.05 19.74
C1 MLI R . -16.91 -3.53 3.82
C2 MLI R . -15.99 -3.74 2.61
C3 MLI R . -16.27 -3.26 5.16
O6 MLI R . -15.57 -2.76 1.98
O7 MLI R . -15.67 -4.90 2.23
O8 MLI R . -15.24 -2.62 5.36
O9 MLI R . -16.89 -3.71 6.13
C1 GOL S . -39.99 16.80 17.93
O1 GOL S . -39.03 17.85 17.70
C2 GOL S . -41.46 17.25 17.79
O2 GOL S . -41.49 18.50 17.08
C3 GOL S . -42.34 16.23 17.02
O3 GOL S . -43.33 15.54 17.80
#